data_6NIE
#
_entry.id   6NIE
#
_cell.length_a   61.358
_cell.length_b   68.916
_cell.length_c   79.702
_cell.angle_alpha   115.36
_cell.angle_beta   91.57
_cell.angle_gamma   112.95
#
_symmetry.space_group_name_H-M   'P 1'
#
loop_
_entity.id
_entity.type
_entity.pdbx_description
1 polymer 'BesD, lysine halogenase'
2 non-polymer LYSINE
3 non-polymer 'FE (II) ION'
4 non-polymer 'CHLORIDE ION'
5 non-polymer '2-OXOGLUTARIC ACID'
6 non-polymer 'FE (III) ION'
7 water water
#
_entity_poly.entity_id   1
_entity_poly.type   'polypeptide(L)'
_entity_poly.pdbx_seq_one_letter_code
;GPHMGSNRQELKDVCAPLEKDDIRRLSQAFHRFGIVTVTELIEPHTRKLVRAEADRLLDQYAERRDLRLATTDYTRRSMS
VVPSETIAANSELVTGLYAHRELLAPLEAIAGERLHPCPKADEEFLITRQEQRGDTHGWHWGDFSFALIWVLQAPPIDVG
GLLQCVPHTTWDKASPQINRYLVENPIDTYHFESGDVYFLRTDTTLHRTIPLREDTTRIILNMTWAGERDLSRKLAADDR
WWDNAEVSAARAIKD
;
_entity_poly.pdbx_strand_id   A,B,C,D
#
# COMPACT_ATOMS: atom_id res chain seq x y z
N LEU A 11 19.02 38.28 -6.71
CA LEU A 11 18.39 37.26 -5.85
C LEU A 11 19.49 36.56 -5.04
N LYS A 12 19.37 36.57 -3.72
CA LYS A 12 20.51 36.26 -2.84
C LYS A 12 20.26 35.09 -1.91
N ASP A 13 19.22 35.12 -1.08
CA ASP A 13 19.02 34.05 -0.11
C ASP A 13 17.70 33.34 -0.35
N VAL A 14 17.57 32.74 -1.54
CA VAL A 14 16.33 32.11 -1.94
C VAL A 14 16.08 30.83 -1.15
N CYS A 15 17.11 29.99 -0.99
CA CYS A 15 16.90 28.64 -0.48
C CYS A 15 17.65 28.41 0.81
N ALA A 16 16.98 27.75 1.76
CA ALA A 16 17.64 27.24 2.93
C ALA A 16 18.59 26.11 2.53
N PRO A 17 19.63 25.86 3.32
CA PRO A 17 20.54 24.75 3.01
C PRO A 17 19.98 23.42 3.50
N LEU A 18 19.95 22.43 2.62
CA LEU A 18 19.51 21.09 2.99
C LEU A 18 20.72 20.17 3.17
N GLU A 19 20.69 19.39 4.24
CA GLU A 19 21.76 18.44 4.55
C GLU A 19 21.65 17.19 3.70
N LYS A 20 22.68 16.34 3.76
CA LYS A 20 22.70 15.13 2.95
C LYS A 20 21.50 14.24 3.26
N ASP A 21 21.17 14.08 4.55
CA ASP A 21 20.05 13.23 4.92
C ASP A 21 18.71 13.85 4.54
N ASP A 22 18.62 15.18 4.47
CA ASP A 22 17.39 15.79 3.98
C ASP A 22 17.20 15.45 2.50
N ILE A 23 18.26 15.56 1.70
CA ILE A 23 18.14 15.25 0.27
C ILE A 23 17.76 13.79 0.06
N ARG A 24 18.29 12.87 0.90
CA ARG A 24 17.92 11.46 0.78
CA ARG A 24 17.92 11.46 0.75
C ARG A 24 16.44 11.23 1.08
N ARG A 25 15.95 11.81 2.16
CA ARG A 25 14.53 11.65 2.49
C ARG A 25 13.61 12.27 1.43
N LEU A 26 13.95 13.46 0.94
CA LEU A 26 13.12 14.08 -0.10
C LEU A 26 13.18 13.27 -1.39
N SER A 27 14.37 12.85 -1.78
CA SER A 27 14.51 12.03 -2.98
C SER A 27 13.67 10.78 -2.88
N GLN A 28 13.75 10.08 -1.74
CA GLN A 28 13.03 8.82 -1.59
C GLN A 28 11.53 9.02 -1.80
N ALA A 29 10.95 10.01 -1.12
CA ALA A 29 9.53 10.31 -1.30
C ALA A 29 9.22 10.71 -2.74
N PHE A 30 10.07 11.57 -3.34
CA PHE A 30 9.79 12.05 -4.69
C PHE A 30 9.69 10.91 -5.67
N HIS A 31 10.61 9.95 -5.59
CA HIS A 31 10.53 8.84 -6.52
C HIS A 31 9.36 7.89 -6.19
N ARG A 32 9.14 7.58 -4.92
CA ARG A 32 8.08 6.63 -4.55
C ARG A 32 6.71 7.16 -4.96
N PHE A 33 6.39 8.38 -4.53
CA PHE A 33 5.09 9.02 -4.65
C PHE A 33 4.95 9.94 -5.88
N GLY A 34 6.04 10.27 -6.57
CA GLY A 34 5.96 11.19 -7.69
C GLY A 34 5.89 12.65 -7.30
N ILE A 35 5.96 12.93 -6.00
CA ILE A 35 5.70 14.25 -5.46
C ILE A 35 6.38 14.30 -4.10
N VAL A 36 6.90 15.47 -3.74
CA VAL A 36 7.36 15.67 -2.38
C VAL A 36 7.23 17.15 -2.02
N THR A 37 6.93 17.42 -0.75
CA THR A 37 6.86 18.79 -0.29
C THR A 37 8.26 19.36 -0.14
N VAL A 38 8.51 20.54 -0.73
CA VAL A 38 9.84 21.13 -0.59
C VAL A 38 9.78 22.53 0.04
N THR A 39 8.73 22.83 0.81
CA THR A 39 8.63 24.14 1.44
C THR A 39 9.90 24.50 2.20
N GLU A 40 10.47 23.56 2.96
CA GLU A 40 11.65 23.79 3.77
C GLU A 40 12.84 24.24 2.94
N LEU A 41 12.81 24.04 1.63
CA LEU A 41 13.93 24.42 0.78
C LEU A 41 13.93 25.90 0.42
N ILE A 42 12.78 26.56 0.50
CA ILE A 42 12.65 27.92 -0.01
C ILE A 42 12.33 28.85 1.16
N GLU A 43 13.18 29.85 1.34
CA GLU A 43 13.04 30.80 2.44
C GLU A 43 11.64 31.43 2.44
N PRO A 44 11.09 31.72 3.62
CA PRO A 44 9.73 32.30 3.63
C PRO A 44 9.64 33.63 2.89
N HIS A 45 10.68 34.46 2.94
CA HIS A 45 10.59 35.73 2.24
C HIS A 45 10.37 35.51 0.75
N THR A 46 11.14 34.60 0.15
CA THR A 46 10.94 34.28 -1.25
C THR A 46 9.50 33.82 -1.50
N ARG A 47 8.98 32.93 -0.65
CA ARG A 47 7.60 32.50 -0.85
C ARG A 47 6.65 33.69 -0.72
N LYS A 48 6.91 34.61 0.20
CA LYS A 48 6.09 35.82 0.30
C LYS A 48 6.21 36.69 -0.94
N LEU A 49 7.42 36.78 -1.53
CA LEU A 49 7.60 37.61 -2.72
C LEU A 49 6.84 37.02 -3.92
N VAL A 50 6.79 35.69 -4.03
CA VAL A 50 6.11 35.07 -5.16
C VAL A 50 4.60 35.25 -5.05
N ARG A 51 4.05 35.04 -3.85
CA ARG A 51 2.63 35.30 -3.62
C ARG A 51 2.24 36.72 -4.04
N ALA A 52 3.09 37.71 -3.70
CA ALA A 52 2.77 39.09 -4.06
C ALA A 52 2.86 39.29 -5.56
N GLU A 53 3.85 38.68 -6.19
CA GLU A 53 3.98 38.78 -7.64
C GLU A 53 2.80 38.13 -8.34
N ALA A 54 2.36 36.95 -7.88
CA ALA A 54 1.24 36.27 -8.52
C ALA A 54 -0.03 37.11 -8.42
N ASP A 55 -0.27 37.72 -7.26
CA ASP A 55 -1.44 38.58 -7.10
C ASP A 55 -1.41 39.72 -8.11
N ARG A 56 -0.25 40.38 -8.23
CA ARG A 56 -0.12 41.47 -9.20
C ARG A 56 -0.38 40.98 -10.62
N LEU A 57 0.16 39.81 -10.98
CA LEU A 57 -0.05 39.28 -12.33
C LEU A 57 -1.51 38.93 -12.58
N LEU A 58 -2.16 38.28 -11.60
CA LEU A 58 -3.56 37.92 -11.76
C LEU A 58 -4.43 39.16 -11.91
N ASP A 59 -4.18 40.19 -11.10
CA ASP A 59 -5.01 41.39 -11.16
C ASP A 59 -5.02 42.02 -12.55
N GLN A 60 -3.95 41.82 -13.33
CA GLN A 60 -3.82 42.47 -14.62
C GLN A 60 -4.18 41.55 -15.79
N TYR A 61 -3.94 40.24 -15.67
CA TYR A 61 -3.94 39.36 -16.82
C TYR A 61 -4.74 38.07 -16.66
N ALA A 62 -5.50 37.90 -15.58
CA ALA A 62 -6.21 36.64 -15.38
C ALA A 62 -7.20 36.40 -16.52
N GLU A 63 -7.17 35.21 -17.11
CA GLU A 63 -8.13 34.81 -18.13
C GLU A 63 -8.86 33.56 -17.64
N ARG A 64 -10.14 33.46 -17.99
CA ARG A 64 -10.98 32.36 -17.56
C ARG A 64 -10.89 31.19 -18.55
N ARG A 65 -10.88 29.97 -18.03
CA ARG A 65 -10.90 28.76 -18.83
C ARG A 65 -12.02 27.86 -18.32
N ASP A 66 -12.88 27.35 -19.21
CA ASP A 66 -13.95 26.41 -18.85
C ASP A 66 -14.07 25.42 -20.01
N LEU A 67 -13.44 24.27 -19.90
CA LEU A 67 -13.35 23.42 -21.08
C LEU A 67 -13.10 21.99 -20.66
N ARG A 68 -13.31 21.07 -21.60
CA ARG A 68 -12.89 19.70 -21.39
C ARG A 68 -11.83 19.37 -22.42
N LEU A 69 -10.85 18.55 -22.04
CA LEU A 69 -9.67 18.33 -22.87
C LEU A 69 -9.71 16.91 -23.46
N ALA A 70 -9.76 16.83 -24.78
CA ALA A 70 -9.90 15.54 -25.43
C ALA A 70 -8.74 14.60 -25.10
N THR A 71 -7.53 15.15 -24.96
CA THR A 71 -6.38 14.28 -24.76
C THR A 71 -6.27 13.77 -23.35
N THR A 72 -7.11 14.25 -22.42
CA THR A 72 -7.18 13.63 -21.10
C THR A 72 -8.61 13.14 -20.80
N ASP A 73 -9.19 12.36 -21.71
CA ASP A 73 -10.49 11.71 -21.51
C ASP A 73 -11.60 12.72 -21.25
N TYR A 74 -11.42 13.95 -21.74
CA TYR A 74 -12.39 15.05 -21.60
C TYR A 74 -12.55 15.47 -20.15
N THR A 75 -11.48 15.38 -19.33
CA THR A 75 -11.62 15.92 -17.99
C THR A 75 -11.66 17.45 -18.05
N ARG A 76 -12.16 18.06 -16.96
CA ARG A 76 -12.42 19.50 -16.96
C ARG A 76 -11.20 20.33 -16.57
N ARG A 77 -11.14 21.53 -17.13
CA ARG A 77 -10.28 22.61 -16.67
C ARG A 77 -11.22 23.78 -16.44
N SER A 78 -11.41 24.16 -15.18
CA SER A 78 -12.29 25.26 -14.79
C SER A 78 -11.55 26.11 -13.77
N MET A 79 -11.08 27.29 -14.21
CA MET A 79 -10.13 28.10 -13.45
C MET A 79 -9.75 29.30 -14.31
N SER A 80 -9.15 30.30 -13.67
CA SER A 80 -8.50 31.39 -14.38
C SER A 80 -7.01 31.07 -14.49
N VAL A 81 -6.36 31.70 -15.47
CA VAL A 81 -4.94 31.45 -15.69
C VAL A 81 -4.24 32.77 -16.00
N VAL A 82 -2.92 32.77 -15.84
CA VAL A 82 -2.04 33.75 -16.46
C VAL A 82 -1.07 32.96 -17.33
N PRO A 83 -1.02 33.20 -18.64
CA PRO A 83 -0.14 32.40 -19.52
C PRO A 83 1.34 32.70 -19.30
N SER A 84 2.16 31.77 -19.80
CA SER A 84 3.59 31.76 -19.52
C SER A 84 4.31 32.99 -20.12
N GLU A 85 4.05 33.32 -21.37
CA GLU A 85 4.84 34.41 -21.95
C GLU A 85 4.49 35.73 -21.27
N THR A 86 3.26 35.85 -20.77
CA THR A 86 2.88 37.06 -20.03
C THR A 86 3.60 37.14 -18.70
N ILE A 87 3.72 36.00 -17.99
CA ILE A 87 4.48 35.96 -16.73
C ILE A 87 5.94 36.27 -17.00
N ALA A 88 6.52 35.62 -18.01
CA ALA A 88 7.92 35.84 -18.33
C ALA A 88 8.20 37.31 -18.68
N ALA A 89 7.29 37.95 -19.42
CA ALA A 89 7.56 39.32 -19.82
C ALA A 89 7.37 40.32 -18.68
N ASN A 90 6.73 39.94 -17.57
CA ASN A 90 6.37 40.94 -16.58
C ASN A 90 6.83 40.60 -15.17
N SER A 91 7.69 39.60 -14.99
CA SER A 91 8.15 39.24 -13.65
C SER A 91 9.62 38.85 -13.68
N GLU A 92 10.51 39.80 -13.35
CA GLU A 92 11.92 39.46 -13.17
C GLU A 92 12.12 38.48 -12.02
N LEU A 93 11.28 38.56 -11.00
CA LEU A 93 11.38 37.62 -9.88
C LEU A 93 11.20 36.17 -10.34
N VAL A 94 10.15 35.91 -11.11
CA VAL A 94 9.83 34.54 -11.48
C VAL A 94 10.85 34.01 -12.48
N THR A 95 11.23 34.82 -13.50
CA THR A 95 12.22 34.33 -14.45
C THR A 95 13.61 34.20 -13.82
N GLY A 96 13.96 35.08 -12.88
CA GLY A 96 15.17 34.89 -12.10
C GLY A 96 15.18 33.61 -11.29
N LEU A 97 14.12 33.36 -10.50
CA LEU A 97 14.05 32.11 -9.74
C LEU A 97 14.10 30.90 -10.66
N TYR A 98 13.42 30.98 -11.81
CA TYR A 98 13.39 29.87 -12.74
C TYR A 98 14.79 29.44 -13.18
N ALA A 99 15.76 30.37 -13.25
CA ALA A 99 17.12 30.08 -13.70
C ALA A 99 18.13 30.06 -12.55
N HIS A 100 17.67 30.12 -11.31
CA HIS A 100 18.53 30.38 -10.16
C HIS A 100 19.23 29.10 -9.73
N ARG A 101 20.55 29.12 -9.72
CA ARG A 101 21.31 27.93 -9.37
C ARG A 101 20.94 27.42 -7.98
N GLU A 102 20.75 28.33 -7.02
CA GLU A 102 20.47 27.98 -5.63
C GLU A 102 19.11 27.29 -5.49
N LEU A 103 18.23 27.43 -6.47
CA LEU A 103 16.99 26.67 -6.51
C LEU A 103 17.14 25.38 -7.32
N LEU A 104 17.78 25.47 -8.47
CA LEU A 104 17.86 24.31 -9.36
C LEU A 104 18.78 23.23 -8.82
N ALA A 105 19.84 23.60 -8.10
CA ALA A 105 20.79 22.59 -7.62
C ALA A 105 20.12 21.59 -6.70
N PRO A 106 19.40 21.99 -5.65
CA PRO A 106 18.78 20.98 -4.78
C PRO A 106 17.64 20.26 -5.46
N LEU A 107 16.87 20.91 -6.35
CA LEU A 107 15.86 20.17 -7.10
C LEU A 107 16.48 19.06 -7.93
N GLU A 108 17.60 19.36 -8.61
CA GLU A 108 18.33 18.31 -9.33
C GLU A 108 18.79 17.21 -8.37
N ALA A 109 19.20 17.57 -7.15
CA ALA A 109 19.61 16.55 -6.19
C ALA A 109 18.43 15.66 -5.79
N ILE A 110 17.26 16.25 -5.57
CA ILE A 110 16.07 15.47 -5.21
C ILE A 110 15.63 14.61 -6.40
N ALA A 111 15.54 15.22 -7.59
CA ALA A 111 15.12 14.49 -8.78
C ALA A 111 16.16 13.46 -9.20
N GLY A 112 17.42 13.64 -8.82
CA GLY A 112 18.46 12.75 -9.28
C GLY A 112 18.86 12.94 -10.73
N GLU A 113 18.57 14.11 -11.32
CA GLU A 113 18.95 14.39 -12.71
C GLU A 113 18.87 15.89 -12.95
N ARG A 114 19.36 16.30 -14.12
CA ARG A 114 19.46 17.72 -14.46
C ARG A 114 18.15 18.28 -15.03
N LEU A 115 17.85 19.52 -14.63
CA LEU A 115 16.70 20.30 -15.08
C LEU A 115 17.14 21.28 -16.19
N HIS A 116 16.28 21.49 -17.18
CA HIS A 116 16.57 22.41 -18.27
C HIS A 116 15.39 23.35 -18.44
N PRO A 117 15.64 24.55 -18.94
CA PRO A 117 14.51 25.40 -19.36
C PRO A 117 13.58 24.62 -20.26
N CYS A 118 12.29 24.86 -20.09
CA CYS A 118 11.31 24.21 -20.96
C CYS A 118 11.51 24.70 -22.39
N PRO A 119 11.71 23.82 -23.36
CA PRO A 119 11.86 24.28 -24.75
C PRO A 119 10.60 24.93 -25.31
N LYS A 120 9.43 24.77 -24.68
CA LYS A 120 8.20 25.40 -25.16
C LYS A 120 8.00 26.69 -24.36
N ALA A 121 8.13 27.83 -25.04
CA ALA A 121 7.95 29.12 -24.38
C ALA A 121 6.59 29.26 -23.68
N ASP A 122 5.56 28.62 -24.23
CA ASP A 122 4.21 28.75 -23.66
C ASP A 122 3.98 27.92 -22.40
N GLU A 123 5.01 27.19 -21.90
CA GLU A 123 4.80 26.35 -20.72
C GLU A 123 5.93 26.46 -19.68
N GLU A 124 6.78 27.49 -19.74
CA GLU A 124 7.72 27.75 -18.64
C GLU A 124 6.97 27.99 -17.33
N PHE A 125 5.96 28.85 -17.39
CA PHE A 125 5.26 29.29 -16.20
C PHE A 125 3.77 29.18 -16.42
N LEU A 126 3.04 28.94 -15.34
CA LEU A 126 1.59 29.07 -15.39
C LEU A 126 1.10 29.46 -14.01
N ILE A 127 0.27 30.49 -13.93
CA ILE A 127 -0.49 30.76 -12.71
C ILE A 127 -1.91 30.24 -12.92
N THR A 128 -2.46 29.52 -11.92
CA THR A 128 -3.88 29.22 -11.95
C THR A 128 -4.57 29.73 -10.69
N ARG A 129 -5.82 30.13 -10.85
CA ARG A 129 -6.63 30.57 -9.73
C ARG A 129 -7.99 29.89 -9.87
N GLN A 130 -8.29 29.00 -8.93
CA GLN A 130 -9.63 28.46 -8.84
C GLN A 130 -10.43 29.30 -7.85
N GLU A 131 -11.65 29.62 -8.23
CA GLU A 131 -12.45 30.61 -7.52
C GLU A 131 -13.90 30.22 -7.35
N GLN A 132 -14.48 29.43 -8.25
CA GLN A 132 -15.90 29.11 -8.21
C GLN A 132 -16.12 27.71 -7.67
N ARG A 133 -17.22 27.54 -6.93
CA ARG A 133 -17.71 26.21 -6.64
C ARG A 133 -17.63 25.34 -7.89
N GLY A 134 -17.02 24.18 -7.76
CA GLY A 134 -16.83 23.29 -8.88
C GLY A 134 -15.52 23.44 -9.64
N ASP A 135 -14.75 24.50 -9.40
CA ASP A 135 -13.51 24.67 -10.15
C ASP A 135 -12.57 23.51 -9.88
N THR A 136 -11.76 23.17 -10.87
CA THR A 136 -10.94 21.98 -10.74
C THR A 136 -9.88 22.00 -11.82
N HIS A 137 -8.76 21.38 -11.51
CA HIS A 137 -7.77 21.07 -12.53
C HIS A 137 -7.88 19.56 -12.73
N GLY A 138 -8.65 19.14 -13.73
CA GLY A 138 -9.06 17.75 -13.85
C GLY A 138 -7.91 16.82 -14.19
N TRP A 139 -8.18 15.51 -14.10
CA TRP A 139 -7.09 14.55 -14.23
C TRP A 139 -6.28 14.77 -15.49
N HIS A 140 -4.95 14.67 -15.36
CA HIS A 140 -4.04 14.90 -16.48
C HIS A 140 -2.62 14.52 -16.10
N TRP A 141 -1.75 14.51 -17.10
CA TRP A 141 -0.30 14.47 -16.95
C TRP A 141 0.31 15.73 -17.57
N GLY A 142 1.63 15.85 -17.46
CA GLY A 142 2.39 16.90 -18.12
C GLY A 142 3.15 16.40 -19.33
N ASP A 143 3.33 17.31 -20.31
CA ASP A 143 4.23 17.06 -21.41
C ASP A 143 5.67 16.93 -20.94
N PHE A 144 6.04 17.64 -19.89
CA PHE A 144 7.43 17.65 -19.42
C PHE A 144 7.54 16.97 -18.06
N SER A 145 8.79 16.77 -17.62
CA SER A 145 9.01 15.88 -16.48
C SER A 145 8.76 16.53 -15.14
N PHE A 146 9.03 17.83 -15.01
CA PHE A 146 9.09 18.43 -13.69
C PHE A 146 8.27 19.68 -13.58
N ALA A 147 7.63 19.83 -12.42
CA ALA A 147 7.01 21.11 -12.08
C ALA A 147 7.27 21.39 -10.61
N LEU A 148 7.60 22.65 -10.32
CA LEU A 148 7.63 23.18 -8.96
C LEU A 148 6.37 23.99 -8.77
N ILE A 149 5.52 23.55 -7.84
CA ILE A 149 4.21 24.15 -7.65
C ILE A 149 4.25 24.94 -6.35
N TRP A 150 4.02 26.23 -6.46
CA TRP A 150 3.98 27.14 -5.34
C TRP A 150 2.51 27.32 -4.99
N VAL A 151 2.10 26.80 -3.85
CA VAL A 151 0.73 26.93 -3.38
C VAL A 151 0.63 28.28 -2.67
N LEU A 152 0.23 29.31 -3.40
CA LEU A 152 0.26 30.65 -2.83
C LEU A 152 -0.94 30.92 -1.95
N GLN A 153 -2.08 30.31 -2.25
CA GLN A 153 -3.29 30.46 -1.45
CA GLN A 153 -3.28 30.46 -1.45
C GLN A 153 -4.13 29.20 -1.65
N ALA A 154 -4.55 28.60 -0.53
CA ALA A 154 -5.30 27.37 -0.57
C ALA A 154 -6.38 27.45 0.51
N PRO A 155 -7.59 27.00 0.23
CA PRO A 155 -8.64 26.99 1.24
C PRO A 155 -8.42 25.88 2.26
N PRO A 156 -9.19 25.90 3.34
CA PRO A 156 -9.15 24.80 4.32
C PRO A 156 -9.57 23.48 3.71
N ILE A 157 -9.14 22.39 4.36
CA ILE A 157 -9.18 21.05 3.78
C ILE A 157 -10.59 20.64 3.37
N ASP A 158 -11.60 21.02 4.12
CA ASP A 158 -12.94 20.58 3.76
C ASP A 158 -13.55 21.35 2.60
N VAL A 159 -12.93 22.44 2.14
CA VAL A 159 -13.46 23.16 0.99
C VAL A 159 -13.02 22.55 -0.33
N GLY A 160 -12.04 21.67 -0.33
CA GLY A 160 -11.59 21.02 -1.53
C GLY A 160 -10.25 21.58 -1.99
N GLY A 161 -9.94 21.32 -3.27
CA GLY A 161 -8.71 21.82 -3.85
C GLY A 161 -7.51 20.98 -3.52
N LEU A 162 -7.71 19.81 -2.90
CA LEU A 162 -6.62 18.91 -2.60
C LEU A 162 -6.04 18.34 -3.89
N LEU A 163 -4.75 18.00 -3.86
CA LEU A 163 -4.13 17.31 -4.98
C LEU A 163 -4.26 15.79 -4.82
N GLN A 164 -4.59 15.11 -5.92
CA GLN A 164 -4.56 13.66 -5.95
C GLN A 164 -3.56 13.21 -7.00
N CYS A 165 -2.86 12.13 -6.69
CA CYS A 165 -1.77 11.65 -7.53
C CYS A 165 -1.85 10.15 -7.67
N VAL A 166 -1.51 9.69 -8.86
CA VAL A 166 -1.23 8.28 -9.08
C VAL A 166 0.14 8.20 -9.74
N PRO A 167 1.23 7.92 -9.03
CA PRO A 167 2.55 7.92 -9.68
C PRO A 167 2.74 6.66 -10.51
N HIS A 168 3.86 6.62 -11.22
CA HIS A 168 4.27 5.44 -11.97
C HIS A 168 3.21 5.06 -13.01
N THR A 169 2.73 6.08 -13.72
CA THR A 169 1.88 5.87 -14.88
C THR A 169 2.50 6.64 -16.05
N THR A 170 1.80 6.71 -17.20
CA THR A 170 2.22 7.57 -18.31
C THR A 170 1.02 8.02 -19.13
N TRP A 171 1.28 9.01 -19.98
CA TRP A 171 0.26 9.74 -20.72
C TRP A 171 0.31 9.28 -22.17
N ASP A 172 -0.68 8.53 -22.59
CA ASP A 172 -0.84 8.16 -24.00
C ASP A 172 -1.98 9.02 -24.56
N LYS A 173 -1.63 10.02 -25.36
CA LYS A 173 -2.61 11.02 -25.77
C LYS A 173 -3.66 10.42 -26.67
N ALA A 174 -3.30 9.40 -27.45
CA ALA A 174 -4.27 8.70 -28.25
C ALA A 174 -5.19 7.81 -27.43
N SER A 175 -4.80 7.38 -26.23
CA SER A 175 -5.58 6.41 -25.46
C SER A 175 -5.30 6.59 -23.98
N PRO A 176 -5.83 7.65 -23.37
CA PRO A 176 -5.34 8.06 -22.05
C PRO A 176 -5.69 7.06 -20.94
N GLN A 177 -6.88 6.48 -20.98
CA GLN A 177 -7.35 5.45 -20.04
C GLN A 177 -7.09 5.85 -18.60
N ILE A 178 -7.55 7.05 -18.25
CA ILE A 178 -7.29 7.58 -16.91
C ILE A 178 -8.00 6.72 -15.87
N ASN A 179 -9.25 6.32 -16.13
CA ASN A 179 -9.98 5.55 -15.12
C ASN A 179 -9.37 4.17 -14.93
N ARG A 180 -8.88 3.54 -16.00
CA ARG A 180 -8.12 2.31 -15.83
CA ARG A 180 -8.12 2.31 -15.83
C ARG A 180 -6.94 2.52 -14.89
N TYR A 181 -6.23 3.64 -15.03
CA TYR A 181 -5.10 3.86 -14.11
C TYR A 181 -5.60 4.00 -12.68
N LEU A 182 -6.77 4.62 -12.47
CA LEU A 182 -7.32 4.69 -11.11
C LEU A 182 -7.68 3.30 -10.60
N VAL A 183 -8.27 2.46 -11.46
CA VAL A 183 -8.71 1.12 -11.07
C VAL A 183 -7.50 0.28 -10.67
N GLU A 184 -6.36 0.51 -11.33
CA GLU A 184 -5.21 -0.37 -11.20
C GLU A 184 -4.21 0.08 -10.15
N ASN A 185 -4.45 1.22 -9.48
CA ASN A 185 -3.45 1.80 -8.59
C ASN A 185 -4.19 2.48 -7.47
N PRO A 186 -3.60 2.53 -6.29
CA PRO A 186 -4.11 3.45 -5.26
C PRO A 186 -3.92 4.90 -5.64
N ILE A 187 -4.84 5.73 -5.14
CA ILE A 187 -4.76 7.19 -5.28
C ILE A 187 -4.29 7.77 -3.95
N ASP A 188 -3.28 8.65 -4.02
CA ASP A 188 -2.81 9.42 -2.87
C ASP A 188 -3.39 10.82 -2.92
N THR A 189 -3.80 11.33 -1.77
CA THR A 189 -4.45 12.64 -1.68
C THR A 189 -3.64 13.51 -0.73
N TYR A 190 -3.38 14.76 -1.15
CA TYR A 190 -2.53 15.68 -0.41
C TYR A 190 -3.28 16.95 -0.12
N HIS A 191 -3.09 17.48 1.06
CA HIS A 191 -3.63 18.76 1.46
C HIS A 191 -2.48 19.75 1.60
N PHE A 192 -2.45 20.79 0.77
CA PHE A 192 -1.39 21.80 0.90
C PHE A 192 -1.97 23.08 1.48
N GLU A 193 -1.21 23.76 2.31
CA GLU A 193 -1.62 25.04 2.86
C GLU A 193 -0.92 26.19 2.14
N SER A 194 -1.47 27.39 2.34
CA SER A 194 -0.94 28.61 1.77
C SER A 194 0.53 28.74 2.10
N GLY A 195 1.35 28.96 1.07
CA GLY A 195 2.79 29.10 1.26
C GLY A 195 3.57 27.82 1.11
N ASP A 196 2.89 26.67 0.94
CA ASP A 196 3.56 25.42 0.64
C ASP A 196 4.14 25.46 -0.78
N VAL A 197 5.18 24.65 -1.00
CA VAL A 197 5.75 24.45 -2.33
C VAL A 197 5.97 22.95 -2.45
N TYR A 198 5.60 22.37 -3.58
CA TYR A 198 5.86 20.97 -3.81
C TYR A 198 6.44 20.76 -5.20
N PHE A 199 7.15 19.66 -5.32
CA PHE A 199 7.90 19.29 -6.51
C PHE A 199 7.27 18.01 -7.02
N LEU A 200 6.87 18.02 -8.31
CA LEU A 200 6.03 16.99 -8.90
C LEU A 200 6.68 16.45 -10.16
N ARG A 201 6.74 15.12 -10.27
CA ARG A 201 7.17 14.46 -11.51
C ARG A 201 5.94 14.33 -12.41
N THR A 202 5.76 15.30 -13.35
CA THR A 202 4.44 15.48 -13.98
C THR A 202 4.20 14.56 -15.16
N ASP A 203 5.25 14.04 -15.79
CA ASP A 203 5.02 13.18 -16.95
C ASP A 203 4.57 11.78 -16.54
N THR A 204 4.98 11.28 -15.38
CA THR A 204 4.61 9.95 -14.94
C THR A 204 3.65 9.94 -13.76
N THR A 205 3.21 11.10 -13.29
CA THR A 205 2.29 11.15 -12.15
C THR A 205 0.97 11.75 -12.61
N LEU A 206 -0.05 10.89 -12.69
CA LEU A 206 -1.38 11.33 -13.03
C LEU A 206 -1.93 12.13 -11.86
N HIS A 207 -2.48 13.31 -12.12
CA HIS A 207 -2.88 14.12 -10.98
C HIS A 207 -4.01 15.05 -11.36
N ARG A 208 -4.65 15.60 -10.32
CA ARG A 208 -5.76 16.53 -10.46
C ARG A 208 -5.91 17.31 -9.16
N THR A 209 -6.77 18.32 -9.19
CA THR A 209 -7.23 18.93 -7.95
C THR A 209 -8.69 18.55 -7.73
N ILE A 210 -9.05 18.28 -6.49
CA ILE A 210 -10.43 17.92 -6.18
C ILE A 210 -11.32 19.15 -6.34
N PRO A 211 -12.45 19.06 -7.04
CA PRO A 211 -13.26 20.26 -7.28
C PRO A 211 -13.56 21.00 -5.99
N LEU A 212 -13.55 22.33 -6.04
CA LEU A 212 -13.93 23.13 -4.88
C LEU A 212 -15.38 22.90 -4.51
N ARG A 213 -15.65 22.79 -3.22
CA ARG A 213 -17.02 22.61 -2.77
C ARG A 213 -17.77 23.92 -2.61
N GLU A 214 -17.08 25.05 -2.70
CA GLU A 214 -17.76 26.32 -2.60
C GLU A 214 -16.83 27.39 -3.16
N ASP A 215 -17.41 28.55 -3.49
CA ASP A 215 -16.59 29.70 -3.88
C ASP A 215 -15.54 29.96 -2.83
N THR A 216 -14.32 30.25 -3.28
CA THR A 216 -13.17 30.49 -2.42
C THR A 216 -12.05 30.93 -3.35
N THR A 217 -10.80 30.82 -2.93
CA THR A 217 -9.68 31.26 -3.75
C THR A 217 -8.54 30.27 -3.58
N ARG A 218 -8.07 29.68 -4.68
CA ARG A 218 -6.93 28.79 -4.68
C ARG A 218 -5.99 29.21 -5.81
N ILE A 219 -4.74 29.53 -5.47
CA ILE A 219 -3.79 30.13 -6.41
C ILE A 219 -2.49 29.34 -6.32
N ILE A 220 -2.00 28.86 -7.46
CA ILE A 220 -0.68 28.25 -7.53
C ILE A 220 0.11 28.94 -8.64
N LEU A 221 1.44 28.86 -8.52
CA LEU A 221 2.36 29.16 -9.60
C LEU A 221 3.07 27.87 -9.98
N ASN A 222 3.12 27.58 -11.27
CA ASN A 222 3.77 26.38 -11.79
C ASN A 222 4.99 26.84 -12.58
N MET A 223 6.17 26.38 -12.18
CA MET A 223 7.36 26.46 -13.03
C MET A 223 7.62 25.06 -13.55
N THR A 224 7.77 24.93 -14.86
CA THR A 224 7.97 23.63 -15.50
C THR A 224 9.33 23.55 -16.16
N TRP A 225 10.07 22.47 -15.89
CA TRP A 225 11.36 22.26 -16.53
C TRP A 225 11.34 20.94 -17.28
N ALA A 226 12.26 20.84 -18.24
CA ALA A 226 12.50 19.65 -19.02
C ALA A 226 13.63 18.85 -18.38
N GLY A 227 13.46 17.53 -18.27
CA GLY A 227 14.61 16.67 -18.09
C GLY A 227 15.21 16.32 -19.44
N GLU A 228 16.37 15.66 -19.43
CA GLU A 228 16.96 15.23 -20.70
C GLU A 228 15.95 14.48 -21.57
N ARG A 229 15.11 13.64 -20.97
CA ARG A 229 14.14 12.87 -21.77
C ARG A 229 13.17 13.75 -22.54
N ASP A 230 13.01 15.01 -22.13
CA ASP A 230 12.08 15.94 -22.74
C ASP A 230 12.68 16.72 -23.92
N LEU A 231 13.99 16.69 -24.10
CA LEU A 231 14.64 17.53 -25.10
C LEU A 231 14.54 16.95 -26.50
N SER A 232 14.21 15.66 -26.62
CA SER A 232 13.99 15.07 -27.93
C SER A 232 12.60 15.45 -28.46
N ARG A 233 12.41 15.24 -29.76
CA ARG A 233 11.15 15.65 -30.39
C ARG A 233 9.97 15.01 -29.69
N LYS A 234 8.91 15.78 -29.49
CA LYS A 234 7.68 15.26 -28.90
C LYS A 234 6.60 15.18 -29.96
N LEU A 235 5.59 14.35 -29.69
CA LEU A 235 4.45 14.24 -30.60
C LEU A 235 3.57 15.48 -30.49
N ALA A 236 3.28 16.11 -31.62
CA ALA A 236 2.50 17.33 -31.59
C ALA A 236 1.03 17.00 -31.33
N ALA A 237 0.40 17.77 -30.43
CA ALA A 237 -1.03 17.66 -30.16
C ALA A 237 -1.55 19.08 -29.94
N ASP A 238 -2.70 19.37 -30.52
CA ASP A 238 -3.31 20.69 -30.34
C ASP A 238 -4.15 20.72 -29.06
N ASP A 239 -3.47 20.53 -27.92
CA ASP A 239 -4.19 20.45 -26.65
C ASP A 239 -3.68 21.44 -25.61
N ARG A 240 -3.00 22.51 -26.03
CA ARG A 240 -2.31 23.41 -25.09
C ARG A 240 -3.26 24.53 -24.67
N TRP A 241 -4.31 24.09 -23.92
CA TRP A 241 -5.49 24.89 -23.61
C TRP A 241 -5.17 26.10 -22.71
N TRP A 242 -4.15 26.00 -21.85
CA TRP A 242 -3.89 27.08 -20.89
C TRP A 242 -3.39 28.32 -21.62
N ASP A 243 -2.75 28.13 -22.76
CA ASP A 243 -2.24 29.24 -23.55
C ASP A 243 -3.24 29.70 -24.59
N ASN A 244 -4.23 28.87 -24.94
CA ASN A 244 -5.23 29.20 -25.95
C ASN A 244 -6.40 28.26 -25.76
N ALA A 245 -7.53 28.79 -25.27
CA ALA A 245 -8.69 27.93 -25.00
C ALA A 245 -9.29 27.36 -26.28
N GLU A 246 -8.99 27.93 -27.44
CA GLU A 246 -9.61 27.49 -28.67
C GLU A 246 -8.87 26.33 -29.34
N VAL A 247 -7.87 25.73 -28.69
CA VAL A 247 -7.17 24.58 -29.26
C VAL A 247 -8.17 23.47 -29.61
N SER A 248 -7.84 22.67 -30.63
CA SER A 248 -8.85 21.75 -31.17
C SER A 248 -9.19 20.63 -30.22
N ALA A 249 -8.32 20.33 -29.25
CA ALA A 249 -8.60 19.27 -28.29
C ALA A 249 -9.55 19.73 -27.20
N ALA A 250 -9.86 21.03 -27.14
CA ALA A 250 -10.65 21.57 -26.04
C ALA A 250 -12.11 21.71 -26.46
N ARG A 251 -13.01 21.29 -25.58
CA ARG A 251 -14.45 21.47 -25.77
C ARG A 251 -14.94 22.40 -24.67
N ALA A 252 -15.61 23.49 -25.06
CA ALA A 252 -16.19 24.37 -24.06
C ALA A 252 -17.30 23.64 -23.30
N ILE A 253 -17.62 24.13 -22.07
CA ILE A 253 -18.52 23.44 -21.15
C ILE A 253 -19.97 23.84 -21.40
N LYS A 254 -20.89 22.87 -21.26
CA LYS A 254 -22.32 23.12 -21.38
C LYS A 254 -22.82 24.12 -20.34
N LEU B 11 -6.52 -4.65 42.54
CA LEU B 11 -5.90 -3.98 41.39
C LEU B 11 -6.62 -2.67 41.05
N LYS B 12 -5.85 -1.61 40.84
CA LYS B 12 -6.41 -0.28 40.63
C LYS B 12 -5.42 0.56 39.83
N ASP B 13 -5.93 1.65 39.24
CA ASP B 13 -5.11 2.53 38.42
C ASP B 13 -4.34 1.75 37.36
N VAL B 14 -5.04 0.80 36.72
CA VAL B 14 -4.38 -0.10 35.76
C VAL B 14 -4.32 0.55 34.39
N CYS B 15 -5.41 1.14 33.95
CA CYS B 15 -5.47 1.68 32.61
C CYS B 15 -5.73 3.18 32.67
N ALA B 16 -5.09 3.89 31.75
CA ALA B 16 -5.31 5.31 31.58
C ALA B 16 -6.59 5.54 30.79
N PRO B 17 -7.14 6.75 30.85
CA PRO B 17 -8.33 7.05 30.07
C PRO B 17 -8.00 7.15 28.59
N LEU B 18 -8.85 6.53 27.77
CA LEU B 18 -8.81 6.68 26.32
C LEU B 18 -10.06 7.45 25.91
N GLU B 19 -9.87 8.61 25.27
CA GLU B 19 -11.01 9.38 24.80
C GLU B 19 -11.64 8.74 23.57
N LYS B 20 -12.87 9.18 23.25
CA LYS B 20 -13.62 8.61 22.13
C LYS B 20 -12.81 8.64 20.83
N ASP B 21 -12.08 9.72 20.59
CA ASP B 21 -11.35 9.82 19.33
C ASP B 21 -10.09 8.96 19.33
N ASP B 22 -9.51 8.68 20.51
CA ASP B 22 -8.39 7.74 20.55
C ASP B 22 -8.85 6.31 20.27
N ILE B 23 -10.05 5.97 20.74
CA ILE B 23 -10.58 4.64 20.45
C ILE B 23 -10.86 4.50 18.97
N ARG B 24 -11.43 5.54 18.35
CA ARG B 24 -11.63 5.54 16.90
CA ARG B 24 -11.64 5.50 16.90
C ARG B 24 -10.32 5.24 16.17
N ARG B 25 -9.30 6.05 16.47
CA ARG B 25 -8.01 5.91 15.81
C ARG B 25 -7.45 4.51 15.97
N LEU B 26 -7.47 4.00 17.21
CA LEU B 26 -6.90 2.70 17.51
C LEU B 26 -7.71 1.58 16.86
N SER B 27 -9.03 1.68 16.87
CA SER B 27 -9.86 0.69 16.18
C SER B 27 -9.53 0.63 14.69
N GLN B 28 -9.50 1.79 14.03
CA GLN B 28 -9.21 1.82 12.60
C GLN B 28 -7.88 1.14 12.30
N ALA B 29 -6.85 1.46 13.10
CA ALA B 29 -5.53 0.87 12.87
C ALA B 29 -5.54 -0.64 13.13
N PHE B 30 -6.18 -1.05 14.24
CA PHE B 30 -6.26 -2.47 14.58
C PHE B 30 -6.94 -3.26 13.46
N HIS B 31 -8.00 -2.71 12.88
CA HIS B 31 -8.64 -3.45 11.80
C HIS B 31 -7.83 -3.40 10.49
N ARG B 32 -7.30 -2.23 10.13
CA ARG B 32 -6.52 -2.13 8.90
C ARG B 32 -5.30 -3.04 8.95
N PHE B 33 -4.55 -2.97 10.04
CA PHE B 33 -3.24 -3.60 10.12
C PHE B 33 -3.22 -4.87 10.94
N GLY B 34 -4.32 -5.25 11.59
CA GLY B 34 -4.28 -6.43 12.45
C GLY B 34 -3.59 -6.21 13.77
N ILE B 35 -3.10 -5.00 14.04
CA ILE B 35 -2.27 -4.75 15.21
C ILE B 35 -2.37 -3.27 15.55
N VAL B 36 -2.35 -2.96 16.83
CA VAL B 36 -2.21 -1.57 17.22
C VAL B 36 -1.42 -1.50 18.53
N THR B 37 -0.59 -0.46 18.67
CA THR B 37 0.13 -0.21 19.90
C THR B 37 -0.82 0.39 20.93
N VAL B 38 -0.84 -0.19 22.13
CA VAL B 38 -1.74 0.26 23.19
C VAL B 38 -0.96 0.57 24.47
N THR B 39 0.35 0.78 24.35
CA THR B 39 1.16 1.24 25.47
C THR B 39 0.46 2.34 26.24
N GLU B 40 -0.03 3.35 25.49
CA GLU B 40 -0.65 4.55 26.04
C GLU B 40 -1.81 4.24 26.96
N LEU B 41 -2.43 3.07 26.82
CA LEU B 41 -3.65 2.75 27.56
C LEU B 41 -3.37 2.18 28.95
N ILE B 42 -2.14 1.75 29.21
CA ILE B 42 -1.81 1.02 30.44
C ILE B 42 -0.80 1.84 31.23
N GLU B 43 -1.07 2.01 32.53
CA GLU B 43 -0.21 2.86 33.34
C GLU B 43 1.20 2.27 33.39
N PRO B 44 2.23 3.10 33.28
CA PRO B 44 3.61 2.57 33.41
C PRO B 44 3.85 1.75 34.66
N HIS B 45 3.17 2.03 35.78
CA HIS B 45 3.43 1.22 36.97
C HIS B 45 2.94 -0.22 36.79
N THR B 46 1.80 -0.38 36.11
CA THR B 46 1.31 -1.72 35.76
C THR B 46 2.29 -2.42 34.84
N ARG B 47 2.81 -1.72 33.82
CA ARG B 47 3.83 -2.28 32.94
C ARG B 47 5.10 -2.65 33.71
N LYS B 48 5.48 -1.84 34.71
CA LYS B 48 6.65 -2.17 35.53
C LYS B 48 6.41 -3.44 36.35
N LEU B 49 5.25 -3.53 37.01
CA LEU B 49 4.97 -4.72 37.81
C LEU B 49 4.98 -5.99 36.97
N VAL B 50 4.45 -5.93 35.75
CA VAL B 50 4.42 -7.12 34.90
C VAL B 50 5.82 -7.53 34.48
N ARG B 51 6.67 -6.55 34.14
CA ARG B 51 8.05 -6.89 33.82
C ARG B 51 8.73 -7.63 34.98
N ALA B 52 8.62 -7.09 36.19
CA ALA B 52 9.25 -7.72 37.35
C ALA B 52 8.63 -9.09 37.66
N GLU B 53 7.34 -9.26 37.42
CA GLU B 53 6.69 -10.56 37.57
C GLU B 53 7.22 -11.55 36.55
N ALA B 54 7.41 -11.11 35.30
CA ALA B 54 7.93 -12.00 34.27
C ALA B 54 9.32 -12.49 34.61
N ASP B 55 10.15 -11.62 35.18
CA ASP B 55 11.53 -12.01 35.51
C ASP B 55 11.55 -13.02 36.65
N ARG B 56 10.73 -12.81 37.68
CA ARG B 56 10.63 -13.78 38.76
C ARG B 56 10.21 -15.14 38.24
N LEU B 57 9.20 -15.18 37.34
CA LEU B 57 8.74 -16.45 36.77
C LEU B 57 9.79 -17.06 35.85
N LEU B 58 10.51 -16.24 35.11
CA LEU B 58 11.57 -16.75 34.26
C LEU B 58 12.69 -17.37 35.08
N ASP B 59 13.04 -16.74 36.21
CA ASP B 59 14.09 -17.29 37.07
C ASP B 59 13.76 -18.71 37.52
N GLN B 60 12.50 -18.97 37.84
CA GLN B 60 12.07 -20.23 38.44
C GLN B 60 11.67 -21.29 37.41
N TYR B 61 11.16 -20.89 36.24
CA TYR B 61 10.46 -21.82 35.36
C TYR B 61 10.81 -21.72 33.88
N ALA B 62 11.79 -20.91 33.49
CA ALA B 62 12.12 -20.83 32.06
C ALA B 62 12.56 -22.20 31.54
N GLU B 63 12.02 -22.62 30.40
CA GLU B 63 12.46 -23.83 29.72
C GLU B 63 12.72 -23.54 28.24
N ARG B 64 13.78 -24.15 27.71
CA ARG B 64 14.20 -23.90 26.34
C ARG B 64 13.30 -24.59 25.34
N ARG B 65 13.05 -23.93 24.20
CA ARG B 65 12.39 -24.53 23.05
C ARG B 65 13.28 -24.30 21.82
N ASP B 66 13.52 -25.37 21.08
CA ASP B 66 14.25 -25.31 19.80
C ASP B 66 13.57 -26.31 18.87
N LEU B 67 12.76 -25.83 17.94
CA LEU B 67 11.98 -26.74 17.13
C LEU B 67 11.48 -26.02 15.89
N ARG B 68 11.01 -26.80 14.92
CA ARG B 68 10.25 -26.30 13.79
C ARG B 68 8.86 -26.92 13.84
N LEU B 69 7.82 -26.17 13.47
CA LEU B 69 6.44 -26.61 13.65
C LEU B 69 5.79 -26.95 12.32
N ALA B 70 5.37 -28.22 12.16
CA ALA B 70 4.81 -28.68 10.91
C ALA B 70 3.57 -27.88 10.51
N THR B 71 2.71 -27.54 11.47
CA THR B 71 1.50 -26.80 11.13
C THR B 71 1.76 -25.37 10.70
N THR B 72 3.01 -24.87 10.70
CA THR B 72 3.31 -23.55 10.13
C THR B 72 4.49 -23.65 9.18
N ASP B 73 4.49 -24.67 8.31
CA ASP B 73 5.53 -24.85 7.30
C ASP B 73 6.92 -24.98 7.92
N TYR B 74 6.98 -25.54 9.13
CA TYR B 74 8.26 -25.79 9.78
C TYR B 74 9.05 -24.52 10.10
N THR B 75 8.39 -23.39 10.28
CA THR B 75 9.12 -22.26 10.82
C THR B 75 9.60 -22.58 12.25
N ARG B 76 10.67 -21.90 12.65
CA ARG B 76 11.38 -22.18 13.89
C ARG B 76 10.69 -21.54 15.10
N ARG B 77 10.80 -22.22 16.25
CA ARG B 77 10.54 -21.61 17.55
C ARG B 77 11.83 -21.82 18.37
N SER B 78 12.60 -20.74 18.53
CA SER B 78 13.88 -20.82 19.21
C SER B 78 13.87 -19.74 20.29
N MET B 79 13.71 -20.16 21.55
CA MET B 79 13.41 -19.26 22.65
C MET B 79 13.21 -20.10 23.91
N SER B 80 13.15 -19.43 25.05
CA SER B 80 12.72 -20.03 26.29
C SER B 80 11.33 -19.53 26.64
N VAL B 81 10.57 -20.35 27.37
CA VAL B 81 9.19 -20.05 27.68
C VAL B 81 8.88 -20.39 29.14
N VAL B 82 7.84 -19.75 29.64
CA VAL B 82 7.13 -20.17 30.84
C VAL B 82 5.71 -20.49 30.39
N PRO B 83 5.25 -21.73 30.58
CA PRO B 83 3.94 -22.14 30.04
C PRO B 83 2.79 -21.57 30.86
N SER B 84 1.60 -21.74 30.31
CA SER B 84 0.43 -20.99 30.77
C SER B 84 0.07 -21.36 32.21
N GLU B 85 -0.19 -22.63 32.46
CA GLU B 85 -0.67 -23.02 33.78
C GLU B 85 0.34 -22.68 34.86
N THR B 86 1.63 -22.72 34.54
CA THR B 86 2.64 -22.29 35.50
C THR B 86 2.48 -20.81 35.83
N ILE B 87 2.17 -20.00 34.83
CA ILE B 87 2.01 -18.56 35.05
C ILE B 87 0.77 -18.28 35.87
N ALA B 88 -0.35 -18.90 35.48
CA ALA B 88 -1.60 -18.69 36.21
C ALA B 88 -1.47 -19.18 37.65
N ALA B 89 -0.76 -20.29 37.85
CA ALA B 89 -0.61 -20.80 39.22
C ALA B 89 0.25 -19.88 40.09
N ASN B 90 1.09 -19.02 39.51
CA ASN B 90 2.08 -18.35 40.34
C ASN B 90 2.06 -16.82 40.27
N SER B 91 1.18 -16.21 39.48
CA SER B 91 1.10 -14.75 39.40
C SER B 91 -0.34 -14.30 39.55
N GLU B 92 -0.70 -13.88 40.77
CA GLU B 92 -1.99 -13.19 40.96
C GLU B 92 -2.04 -11.86 40.22
N LEU B 93 -0.90 -11.24 39.93
CA LEU B 93 -0.92 -10.02 39.11
C LEU B 93 -1.41 -10.32 37.70
N VAL B 94 -0.81 -11.32 37.04
CA VAL B 94 -1.17 -11.64 35.66
C VAL B 94 -2.62 -12.11 35.56
N THR B 95 -3.05 -13.02 36.46
CA THR B 95 -4.41 -13.53 36.40
C THR B 95 -5.44 -12.43 36.71
N GLY B 96 -5.12 -11.56 37.66
CA GLY B 96 -6.00 -10.42 37.92
C GLY B 96 -6.12 -9.48 36.73
N LEU B 97 -5.01 -9.23 36.03
CA LEU B 97 -5.09 -8.34 34.88
C LEU B 97 -5.90 -8.96 33.75
N TYR B 98 -5.72 -10.27 33.53
CA TYR B 98 -6.41 -10.99 32.47
C TYR B 98 -7.92 -10.88 32.57
N ALA B 99 -8.45 -10.76 33.78
CA ALA B 99 -9.88 -10.67 34.03
C ALA B 99 -10.34 -9.27 34.39
N HIS B 100 -9.48 -8.26 34.17
CA HIS B 100 -9.70 -6.95 34.76
C HIS B 100 -10.55 -6.08 33.85
N ARG B 101 -11.70 -5.63 34.35
CA ARG B 101 -12.65 -4.89 33.52
C ARG B 101 -12.04 -3.61 32.97
N GLU B 102 -11.14 -2.96 33.70
CA GLU B 102 -10.58 -1.71 33.21
C GLU B 102 -9.60 -1.93 32.08
N LEU B 103 -9.05 -3.14 31.95
CA LEU B 103 -8.21 -3.50 30.82
C LEU B 103 -9.01 -4.07 29.65
N LEU B 104 -9.99 -4.93 29.94
CA LEU B 104 -10.72 -5.60 28.86
C LEU B 104 -11.67 -4.65 28.12
N ALA B 105 -12.32 -3.74 28.84
CA ALA B 105 -13.32 -2.88 28.20
C ALA B 105 -12.73 -2.03 27.08
N PRO B 106 -11.58 -1.37 27.26
CA PRO B 106 -10.99 -0.66 26.12
C PRO B 106 -10.56 -1.60 25.01
N LEU B 107 -10.02 -2.76 25.35
CA LEU B 107 -9.65 -3.70 24.31
C LEU B 107 -10.89 -4.12 23.52
N GLU B 108 -12.02 -4.32 24.21
CA GLU B 108 -13.27 -4.64 23.51
C GLU B 108 -13.74 -3.49 22.63
N ALA B 109 -13.60 -2.24 23.12
CA ALA B 109 -13.87 -1.06 22.29
C ALA B 109 -13.01 -1.07 21.03
N ILE B 110 -11.71 -1.33 21.17
CA ILE B 110 -10.82 -1.29 20.02
C ILE B 110 -11.15 -2.41 19.05
N ALA B 111 -11.46 -3.59 19.58
CA ALA B 111 -11.70 -4.76 18.74
C ALA B 111 -13.11 -4.75 18.20
N GLY B 112 -14.02 -4.02 18.85
CA GLY B 112 -15.40 -4.02 18.42
C GLY B 112 -16.19 -5.26 18.78
N GLU B 113 -15.73 -6.06 19.75
CA GLU B 113 -16.44 -7.28 20.17
C GLU B 113 -15.94 -7.68 21.55
N ARG B 114 -16.69 -8.60 22.18
CA ARG B 114 -16.33 -9.08 23.52
C ARG B 114 -15.11 -9.99 23.48
N LEU B 115 -14.23 -9.83 24.46
CA LEU B 115 -13.16 -10.79 24.69
C LEU B 115 -13.59 -11.76 25.79
N HIS B 116 -13.27 -13.03 25.58
CA HIS B 116 -13.60 -14.05 26.57
C HIS B 116 -12.34 -14.78 26.99
N PRO B 117 -12.29 -15.29 28.22
CA PRO B 117 -11.13 -16.09 28.64
C PRO B 117 -10.85 -17.19 27.61
N CYS B 118 -9.58 -17.46 27.38
CA CYS B 118 -9.23 -18.52 26.44
C CYS B 118 -9.78 -19.85 26.93
N PRO B 119 -10.55 -20.58 26.10
CA PRO B 119 -11.07 -21.87 26.57
C PRO B 119 -10.00 -22.89 26.84
N LYS B 120 -8.78 -22.70 26.35
CA LYS B 120 -7.69 -23.62 26.61
C LYS B 120 -6.81 -23.11 27.75
N ALA B 121 -6.78 -23.86 28.87
CA ALA B 121 -5.98 -23.46 30.04
C ALA B 121 -4.49 -23.35 29.71
N ASP B 122 -4.02 -24.11 28.73
CA ASP B 122 -2.62 -24.08 28.35
C ASP B 122 -2.27 -22.90 27.44
N GLU B 123 -3.20 -21.96 27.18
CA GLU B 123 -2.86 -20.84 26.31
C GLU B 123 -3.40 -19.51 26.81
N GLU B 124 -3.91 -19.43 28.04
CA GLU B 124 -4.17 -18.11 28.63
C GLU B 124 -2.95 -17.20 28.53
N PHE B 125 -1.79 -17.69 28.95
CA PHE B 125 -0.59 -16.86 29.06
C PHE B 125 0.62 -17.61 28.53
N LEU B 126 1.56 -16.85 27.99
CA LEU B 126 2.84 -17.37 27.57
C LEU B 126 3.87 -16.27 27.81
N ILE B 127 4.98 -16.61 28.46
CA ILE B 127 6.16 -15.77 28.49
C ILE B 127 7.17 -16.38 27.52
N THR B 128 7.73 -15.56 26.64
CA THR B 128 8.85 -16.00 25.81
C THR B 128 10.06 -15.14 26.12
N ARG B 129 11.23 -15.76 26.06
CA ARG B 129 12.49 -15.06 26.23
C ARG B 129 13.40 -15.51 25.11
N GLN B 130 13.65 -14.60 24.16
CA GLN B 130 14.62 -14.87 23.13
C GLN B 130 15.97 -14.39 23.62
N GLU B 131 17.00 -15.22 23.47
CA GLU B 131 18.26 -14.95 24.17
C GLU B 131 19.48 -15.15 23.28
N GLN B 132 19.47 -16.16 22.42
CA GLN B 132 20.64 -16.48 21.62
C GLN B 132 20.53 -15.85 20.23
N ARG B 133 21.69 -15.50 19.69
CA ARG B 133 21.77 -15.13 18.29
C ARG B 133 20.97 -16.13 17.46
N GLY B 134 20.11 -15.60 16.59
CA GLY B 134 19.24 -16.45 15.81
C GLY B 134 17.89 -16.78 16.41
N ASP B 135 17.67 -16.52 17.71
CA ASP B 135 16.34 -16.82 18.26
C ASP B 135 15.26 -16.09 17.47
N THR B 136 14.10 -16.74 17.35
CA THR B 136 13.00 -16.20 16.58
C THR B 136 11.73 -16.93 16.99
N HIS B 137 10.62 -16.20 16.90
CA HIS B 137 9.30 -16.80 16.98
C HIS B 137 8.79 -16.79 15.54
N GLY B 138 9.04 -17.89 14.81
CA GLY B 138 8.86 -17.90 13.37
C GLY B 138 7.40 -17.72 12.94
N TRP B 139 7.18 -17.57 11.61
CA TRP B 139 5.86 -17.21 11.10
C TRP B 139 4.78 -18.17 11.56
N HIS B 140 3.64 -17.62 11.95
CA HIS B 140 2.54 -18.44 12.47
C HIS B 140 1.30 -17.57 12.55
N TRP B 141 0.20 -18.20 12.98
CA TRP B 141 -1.02 -17.52 13.39
C TRP B 141 -1.34 -18.03 14.77
N GLY B 142 -2.37 -17.45 15.36
CA GLY B 142 -2.91 -17.94 16.62
C GLY B 142 -4.13 -18.81 16.36
N ASP B 143 -4.37 -19.76 17.27
CA ASP B 143 -5.62 -20.49 17.28
C ASP B 143 -6.78 -19.62 17.75
N PHE B 144 -6.49 -18.57 18.50
CA PHE B 144 -7.55 -17.72 19.03
C PHE B 144 -7.45 -16.31 18.44
N SER B 145 -8.50 -15.53 18.68
CA SER B 145 -8.65 -14.25 17.99
C SER B 145 -7.67 -13.19 18.47
N PHE B 146 -7.31 -13.17 19.75
CA PHE B 146 -6.72 -11.95 20.29
C PHE B 146 -5.49 -12.24 21.14
N ALA B 147 -4.51 -11.35 21.05
CA ALA B 147 -3.41 -11.38 22.01
C ALA B 147 -3.03 -9.95 22.37
N LEU B 148 -2.88 -9.73 23.67
CA LEU B 148 -2.24 -8.55 24.22
C LEU B 148 -0.80 -8.92 24.54
N ILE B 149 0.15 -8.28 23.85
CA ILE B 149 1.56 -8.61 23.95
C ILE B 149 2.26 -7.49 24.72
N TRP B 150 2.80 -7.86 25.86
CA TRP B 150 3.56 -6.98 26.72
C TRP B 150 5.01 -7.14 26.31
N VAL B 151 5.56 -6.13 25.67
CA VAL B 151 6.99 -6.14 25.36
C VAL B 151 7.74 -5.65 26.60
N LEU B 152 8.28 -6.58 27.38
CA LEU B 152 8.89 -6.23 28.67
C LEU B 152 10.35 -5.79 28.53
N GLN B 153 11.09 -6.43 27.61
CA GLN B 153 12.46 -6.06 27.32
CA GLN B 153 12.47 -6.07 27.32
C GLN B 153 12.71 -6.32 25.84
N ALA B 154 13.26 -5.31 25.13
CA ALA B 154 13.51 -5.44 23.70
C ALA B 154 14.89 -4.87 23.40
N PRO B 155 15.64 -5.52 22.51
CA PRO B 155 16.93 -4.98 22.12
C PRO B 155 16.77 -3.79 21.20
N PRO B 156 17.85 -3.01 20.99
CA PRO B 156 17.80 -1.93 19.99
C PRO B 156 17.44 -2.44 18.61
N ILE B 157 17.05 -1.51 17.72
CA ILE B 157 16.36 -1.88 16.49
C ILE B 157 17.27 -2.67 15.56
N ASP B 158 18.55 -2.34 15.50
CA ASP B 158 19.45 -3.07 14.62
C ASP B 158 19.85 -4.44 15.16
N VAL B 159 19.39 -4.82 16.36
CA VAL B 159 19.62 -6.17 16.87
C VAL B 159 18.56 -7.15 16.39
N GLY B 160 17.45 -6.67 15.83
CA GLY B 160 16.36 -7.55 15.45
C GLY B 160 15.29 -7.66 16.53
N GLY B 161 14.50 -8.74 16.42
CA GLY B 161 13.36 -8.89 17.29
C GLY B 161 12.16 -8.07 16.89
N LEU B 162 12.21 -7.41 15.75
CA LEU B 162 11.05 -6.68 15.26
C LEU B 162 9.89 -7.64 14.95
N LEU B 163 8.68 -7.15 15.04
CA LEU B 163 7.50 -7.90 14.60
C LEU B 163 7.22 -7.64 13.13
N GLN B 164 6.90 -8.69 12.39
CA GLN B 164 6.35 -8.55 11.05
C GLN B 164 4.95 -9.14 10.98
N CYS B 165 4.07 -8.49 10.20
CA CYS B 165 2.67 -8.86 10.14
C CYS B 165 2.19 -8.84 8.70
N VAL B 166 1.29 -9.78 8.39
CA VAL B 166 0.49 -9.73 7.17
C VAL B 166 -0.98 -9.91 7.58
N PRO B 167 -1.76 -8.84 7.65
CA PRO B 167 -3.15 -8.96 8.13
C PRO B 167 -4.05 -9.54 7.04
N HIS B 168 -5.27 -9.89 7.43
CA HIS B 168 -6.29 -10.35 6.48
C HIS B 168 -5.84 -11.62 5.75
N THR B 169 -5.37 -12.59 6.53
CA THR B 169 -5.02 -13.91 6.03
C THR B 169 -5.72 -14.91 6.95
N THR B 170 -5.47 -16.19 6.71
CA THR B 170 -6.03 -17.24 7.58
C THR B 170 -5.07 -18.41 7.72
N TRP B 171 -5.27 -19.19 8.78
CA TRP B 171 -4.41 -20.33 9.10
C TRP B 171 -5.11 -21.62 8.70
N ASP B 172 -4.62 -22.26 7.65
CA ASP B 172 -5.06 -23.59 7.27
C ASP B 172 -3.97 -24.56 7.69
N LYS B 173 -4.23 -25.34 8.74
CA LYS B 173 -3.14 -26.13 9.33
C LYS B 173 -2.71 -27.26 8.41
N ALA B 174 -3.60 -27.71 7.51
CA ALA B 174 -3.23 -28.71 6.53
C ALA B 174 -2.43 -28.12 5.37
N SER B 175 -2.46 -26.81 5.19
CA SER B 175 -1.82 -26.23 4.02
C SER B 175 -1.50 -24.78 4.34
N PRO B 176 -0.53 -24.53 5.20
CA PRO B 176 -0.36 -23.16 5.72
C PRO B 176 -0.06 -22.12 4.62
N GLN B 177 0.70 -22.48 3.61
CA GLN B 177 1.07 -21.58 2.49
C GLN B 177 1.54 -20.21 2.98
N ILE B 178 2.43 -20.21 3.97
CA ILE B 178 2.88 -18.95 4.57
C ILE B 178 3.61 -18.12 3.52
N ASN B 179 4.54 -18.73 2.78
CA ASN B 179 5.31 -17.95 1.81
C ASN B 179 4.42 -17.38 0.71
N ARG B 180 3.36 -18.10 0.33
CA ARG B 180 2.42 -17.54 -0.65
C ARG B 180 1.71 -16.30 -0.10
N TYR B 181 1.29 -16.33 1.17
CA TYR B 181 0.71 -15.11 1.74
C TYR B 181 1.70 -13.95 1.66
N LEU B 182 2.99 -14.21 1.92
CA LEU B 182 4.00 -13.16 1.80
C LEU B 182 4.05 -12.62 0.37
N VAL B 183 4.03 -13.52 -0.61
CA VAL B 183 4.11 -13.15 -2.02
C VAL B 183 2.91 -12.30 -2.41
N GLU B 184 1.75 -12.58 -1.83
CA GLU B 184 0.47 -12.00 -2.26
C GLU B 184 0.08 -10.71 -1.51
N ASN B 185 0.85 -10.31 -0.51
CA ASN B 185 0.46 -9.21 0.36
C ASN B 185 1.73 -8.45 0.73
N PRO B 186 1.62 -7.16 1.02
CA PRO B 186 2.77 -6.47 1.62
C PRO B 186 2.98 -6.91 3.06
N ILE B 187 4.23 -6.85 3.53
CA ILE B 187 4.55 -7.09 4.95
C ILE B 187 4.78 -5.77 5.67
N ASP B 188 4.17 -5.64 6.85
CA ASP B 188 4.41 -4.51 7.75
C ASP B 188 5.38 -4.93 8.85
N THR B 189 6.31 -4.06 9.19
CA THR B 189 7.34 -4.37 10.19
C THR B 189 7.27 -3.34 11.30
N TYR B 190 7.33 -3.81 12.54
CA TYR B 190 7.15 -2.97 13.70
C TYR B 190 8.34 -3.15 14.62
N HIS B 191 8.73 -2.06 15.27
CA HIS B 191 9.83 -2.06 16.25
C HIS B 191 9.25 -1.64 17.57
N PHE B 192 9.24 -2.54 18.54
CA PHE B 192 8.68 -2.23 19.86
C PHE B 192 9.82 -2.07 20.86
N GLU B 193 9.72 -1.07 21.72
CA GLU B 193 10.72 -0.85 22.75
C GLU B 193 10.26 -1.40 24.10
N SER B 194 11.23 -1.61 24.98
CA SER B 194 10.95 -2.08 26.32
C SER B 194 9.84 -1.25 26.94
N GLY B 195 8.81 -1.93 27.44
CA GLY B 195 7.69 -1.26 28.06
C GLY B 195 6.47 -1.09 27.17
N ASP B 196 6.64 -1.16 25.85
CA ASP B 196 5.52 -1.14 24.91
C ASP B 196 4.57 -2.31 25.17
N VAL B 197 3.31 -2.12 24.75
CA VAL B 197 2.30 -3.16 24.73
C VAL B 197 1.54 -2.99 23.42
N TYR B 198 1.24 -4.11 22.76
CA TYR B 198 0.49 -4.03 21.51
C TYR B 198 -0.56 -5.13 21.49
N PHE B 199 -1.55 -4.91 20.64
CA PHE B 199 -2.78 -5.68 20.61
C PHE B 199 -2.88 -6.21 19.18
N LEU B 200 -3.02 -7.53 19.06
CA LEU B 200 -2.80 -8.24 17.80
C LEU B 200 -3.99 -9.14 17.51
N ARG B 201 -4.49 -9.10 16.28
CA ARG B 201 -5.55 -10.00 15.85
C ARG B 201 -4.88 -11.26 15.29
N THR B 202 -4.73 -12.28 16.15
CA THR B 202 -3.78 -13.37 15.90
C THR B 202 -4.29 -14.43 14.93
N ASP B 203 -5.63 -14.64 14.83
CA ASP B 203 -6.14 -15.65 13.90
C ASP B 203 -6.07 -15.19 12.42
N THR B 204 -6.18 -13.90 12.13
CA THR B 204 -6.10 -13.42 10.73
C THR B 204 -4.85 -12.60 10.42
N THR B 205 -3.92 -12.46 11.37
CA THR B 205 -2.69 -11.72 11.11
C THR B 205 -1.53 -12.70 11.17
N LEU B 206 -1.00 -13.05 10.01
CA LEU B 206 0.22 -13.82 9.92
C LEU B 206 1.36 -12.98 10.49
N HIS B 207 2.17 -13.53 11.41
CA HIS B 207 3.19 -12.71 12.06
C HIS B 207 4.36 -13.54 12.54
N ARG B 208 5.49 -12.86 12.77
CA ARG B 208 6.71 -13.46 13.29
C ARG B 208 7.55 -12.41 14.01
N THR B 209 8.63 -12.85 14.65
CA THR B 209 9.66 -11.90 15.07
C THR B 209 10.91 -12.17 14.25
N ILE B 210 11.55 -11.11 13.80
CA ILE B 210 12.80 -11.21 13.02
C ILE B 210 13.91 -11.79 13.91
N PRO B 211 14.64 -12.82 13.45
CA PRO B 211 15.68 -13.42 14.28
C PRO B 211 16.64 -12.40 14.89
N LEU B 212 17.05 -12.66 16.14
CA LEU B 212 18.09 -11.85 16.79
C LEU B 212 19.42 -11.94 16.05
N ARG B 213 20.03 -10.78 15.77
CA ARG B 213 21.34 -10.77 15.12
C ARG B 213 22.47 -11.11 16.07
N GLU B 214 22.25 -11.01 17.38
CA GLU B 214 23.31 -11.34 18.34
C GLU B 214 22.65 -11.70 19.66
N ASP B 215 23.48 -12.20 20.58
CA ASP B 215 23.00 -12.51 21.92
C ASP B 215 22.48 -11.23 22.57
N THR B 216 21.29 -11.32 23.17
CA THR B 216 20.65 -10.18 23.81
C THR B 216 19.48 -10.72 24.63
N THR B 217 18.57 -9.85 25.05
CA THR B 217 17.44 -10.25 25.89
C THR B 217 16.19 -9.62 25.32
N ARG B 218 15.23 -10.45 24.92
CA ARG B 218 13.92 -9.98 24.46
C ARG B 218 12.87 -10.83 25.15
N ILE B 219 12.04 -10.19 25.97
CA ILE B 219 11.07 -10.87 26.83
C ILE B 219 9.70 -10.27 26.58
N ILE B 220 8.70 -11.13 26.34
CA ILE B 220 7.32 -10.69 26.22
C ILE B 220 6.42 -11.55 27.11
N LEU B 221 5.26 -10.98 27.45
CA LEU B 221 4.14 -11.69 28.05
C LEU B 221 2.97 -11.60 27.09
N ASN B 222 2.46 -12.76 26.68
CA ASN B 222 1.28 -12.86 25.81
C ASN B 222 0.07 -13.26 26.67
N MET B 223 -0.97 -12.43 26.68
CA MET B 223 -2.28 -12.82 27.17
C MET B 223 -3.17 -13.06 25.95
N THR B 224 -3.80 -14.24 25.89
CA THR B 224 -4.60 -14.62 24.72
C THR B 224 -6.06 -14.79 25.11
N TRP B 225 -6.95 -14.11 24.39
CA TRP B 225 -8.37 -14.21 24.63
C TRP B 225 -9.06 -14.80 23.41
N ALA B 226 -10.19 -15.46 23.66
CA ALA B 226 -11.07 -15.91 22.58
C ALA B 226 -11.98 -14.76 22.14
N GLY B 227 -12.23 -14.68 20.82
CA GLY B 227 -13.48 -14.10 20.35
C GLY B 227 -14.64 -15.11 20.43
N GLU B 228 -15.86 -14.57 20.42
CA GLU B 228 -17.05 -15.42 20.38
C GLU B 228 -16.95 -16.44 19.25
N ARG B 229 -16.36 -16.04 18.13
CA ARG B 229 -16.12 -16.97 17.03
C ARG B 229 -15.28 -18.17 17.45
N ASP B 230 -14.48 -18.05 18.51
CA ASP B 230 -13.60 -19.15 18.90
C ASP B 230 -14.25 -20.14 19.85
N LEU B 231 -15.33 -19.76 20.54
CA LEU B 231 -15.91 -20.59 21.60
C LEU B 231 -16.56 -21.87 21.08
N SER B 232 -16.79 -22.00 19.78
CA SER B 232 -17.38 -23.21 19.21
C SER B 232 -16.37 -24.08 18.49
N ARG B 233 -15.20 -23.54 18.14
CA ARG B 233 -14.25 -24.27 17.31
C ARG B 233 -13.68 -25.46 18.08
N LYS B 234 -13.16 -26.43 17.32
CA LYS B 234 -12.50 -27.60 17.89
C LYS B 234 -11.07 -27.69 17.36
N LEU B 235 -10.11 -27.68 18.29
CA LEU B 235 -8.69 -27.69 17.94
C LEU B 235 -8.20 -29.12 17.84
N ALA B 236 -7.77 -29.52 16.64
CA ALA B 236 -7.45 -30.91 16.35
C ALA B 236 -5.96 -31.21 16.37
N ALA B 237 -5.15 -30.31 15.81
CA ALA B 237 -3.75 -30.62 15.60
C ALA B 237 -3.03 -30.79 16.94
N ASP B 238 -1.99 -31.62 16.92
CA ASP B 238 -1.09 -31.78 18.06
C ASP B 238 0.16 -30.92 17.83
N ASP B 239 -0.02 -29.61 17.96
CA ASP B 239 1.06 -28.66 17.64
C ASP B 239 1.27 -27.64 18.75
N ARG B 240 0.89 -27.97 19.98
CA ARG B 240 0.92 -26.95 21.03
C ARG B 240 2.27 -26.98 21.74
N TRP B 241 3.27 -26.46 20.99
CA TRP B 241 4.69 -26.67 21.31
C TRP B 241 5.12 -25.89 22.54
N TRP B 242 4.48 -24.75 22.81
CA TRP B 242 4.91 -23.92 23.93
C TRP B 242 4.66 -24.63 25.25
N ASP B 243 3.60 -25.43 25.32
CA ASP B 243 3.27 -26.13 26.54
C ASP B 243 3.93 -27.49 26.61
N ASN B 244 4.34 -28.05 25.47
CA ASN B 244 4.94 -29.38 25.41
C ASN B 244 5.87 -29.43 24.21
N ALA B 245 7.18 -29.47 24.47
CA ALA B 245 8.12 -29.56 23.35
C ALA B 245 7.89 -30.80 22.50
N GLU B 246 7.29 -31.86 23.05
CA GLU B 246 7.23 -33.17 22.42
C GLU B 246 5.98 -33.42 21.58
N VAL B 247 5.06 -32.45 21.48
CA VAL B 247 3.91 -32.60 20.59
C VAL B 247 4.44 -33.02 19.22
N SER B 248 3.64 -33.77 18.46
CA SER B 248 4.19 -34.45 17.30
C SER B 248 4.39 -33.52 16.11
N ALA B 249 3.77 -32.35 16.09
CA ALA B 249 4.05 -31.40 15.01
C ALA B 249 5.38 -30.68 15.18
N ALA B 250 6.09 -30.89 16.29
CA ALA B 250 7.37 -30.20 16.51
C ALA B 250 8.53 -31.11 16.11
N ARG B 251 9.34 -30.65 15.15
CA ARG B 251 10.59 -31.32 14.79
C ARG B 251 11.76 -30.62 15.50
N ALA B 252 12.52 -31.37 16.28
CA ALA B 252 13.75 -30.85 16.87
C ALA B 252 14.66 -30.22 15.80
N ILE B 253 15.39 -29.17 16.20
CA ILE B 253 16.30 -28.48 15.27
C ILE B 253 17.46 -29.38 14.90
N LYS B 254 17.84 -29.35 13.62
CA LYS B 254 18.98 -30.14 13.13
C LYS B 254 20.32 -29.60 13.64
N LYS C 12 22.26 -14.21 -31.60
CA LYS C 12 21.53 -14.22 -32.86
C LYS C 12 20.03 -13.93 -32.68
N ASP C 13 19.35 -14.76 -31.89
CA ASP C 13 17.91 -14.60 -31.66
C ASP C 13 17.58 -14.80 -30.19
N VAL C 14 18.40 -14.19 -29.32
CA VAL C 14 18.27 -14.38 -27.88
C VAL C 14 17.03 -13.69 -27.31
N CYS C 15 16.52 -12.65 -27.97
CA CYS C 15 15.48 -11.81 -27.39
C CYS C 15 14.19 -11.89 -28.21
N ALA C 16 13.08 -11.97 -27.49
CA ALA C 16 11.73 -11.95 -28.03
C ALA C 16 11.26 -10.51 -28.22
N PRO C 17 10.30 -10.27 -29.12
CA PRO C 17 9.81 -8.90 -29.35
C PRO C 17 8.68 -8.49 -28.42
N LEU C 18 8.84 -7.34 -27.74
CA LEU C 18 7.80 -6.79 -26.89
C LEU C 18 7.09 -5.63 -27.59
N GLU C 19 5.78 -5.52 -27.38
CA GLU C 19 5.02 -4.43 -27.97
C GLU C 19 5.13 -3.16 -27.11
N LYS C 20 4.61 -2.05 -27.66
CA LYS C 20 4.69 -0.78 -26.95
C LYS C 20 4.02 -0.86 -25.59
N ASP C 21 2.82 -1.47 -25.53
CA ASP C 21 2.11 -1.61 -24.26
C ASP C 21 2.89 -2.44 -23.25
N ASP C 22 3.68 -3.40 -23.71
CA ASP C 22 4.42 -4.22 -22.77
C ASP C 22 5.56 -3.42 -22.14
N ILE C 23 6.27 -2.63 -22.93
CA ILE C 23 7.27 -1.72 -22.38
C ILE C 23 6.63 -0.77 -21.38
N ARG C 24 5.46 -0.23 -21.75
CA ARG C 24 4.75 0.67 -20.84
C ARG C 24 4.46 -0.02 -19.51
N ARG C 25 3.86 -1.22 -19.55
CA ARG C 25 3.55 -1.97 -18.34
C ARG C 25 4.83 -2.25 -17.53
N LEU C 26 5.88 -2.71 -18.19
CA LEU C 26 7.10 -3.08 -17.47
C LEU C 26 7.81 -1.87 -16.87
N SER C 27 7.85 -0.76 -17.61
CA SER C 27 8.45 0.48 -17.07
C SER C 27 7.73 0.92 -15.80
N GLN C 28 6.41 1.04 -15.86
CA GLN C 28 5.64 1.46 -14.69
C GLN C 28 5.91 0.59 -13.49
N ALA C 29 5.99 -0.73 -13.68
CA ALA C 29 6.22 -1.61 -12.52
C ALA C 29 7.67 -1.51 -12.04
N PHE C 30 8.63 -1.44 -12.97
CA PHE C 30 10.03 -1.29 -12.60
C PHE C 30 10.22 -0.06 -11.72
N HIS C 31 9.64 1.09 -12.11
CA HIS C 31 9.79 2.32 -11.35
C HIS C 31 9.02 2.26 -10.04
N ARG C 32 7.78 1.73 -10.07
CA ARG C 32 6.96 1.68 -8.86
C ARG C 32 7.58 0.74 -7.84
N PHE C 33 7.99 -0.46 -8.26
CA PHE C 33 8.38 -1.50 -7.33
C PHE C 33 9.89 -1.69 -7.24
N GLY C 34 10.67 -1.06 -8.14
CA GLY C 34 12.12 -1.25 -8.18
C GLY C 34 12.57 -2.49 -8.89
N ILE C 35 11.64 -3.27 -9.47
CA ILE C 35 11.90 -4.62 -9.96
C ILE C 35 10.73 -4.98 -10.86
N VAL C 36 11.01 -5.74 -11.90
CA VAL C 36 9.95 -6.26 -12.74
C VAL C 36 10.45 -7.59 -13.30
N THR C 37 9.54 -8.53 -13.52
CA THR C 37 9.94 -9.76 -14.18
C THR C 37 10.10 -9.50 -15.67
N VAL C 38 11.18 -10.02 -16.27
CA VAL C 38 11.46 -9.79 -17.68
C VAL C 38 11.75 -11.11 -18.38
N THR C 39 11.33 -12.23 -17.79
CA THR C 39 11.49 -13.54 -18.45
C THR C 39 10.98 -13.50 -19.89
N GLU C 40 9.82 -12.88 -20.12
CA GLU C 40 9.19 -12.84 -21.45
C GLU C 40 10.11 -12.24 -22.52
N LEU C 41 11.12 -11.47 -22.11
CA LEU C 41 11.98 -10.80 -23.06
C LEU C 41 13.08 -11.71 -23.64
N ILE C 42 13.39 -12.82 -22.98
CA ILE C 42 14.54 -13.65 -23.35
C ILE C 42 14.06 -15.04 -23.74
N GLU C 43 14.58 -15.56 -24.85
CA GLU C 43 14.11 -16.84 -25.35
C GLU C 43 14.46 -17.97 -24.39
N PRO C 44 13.58 -18.98 -24.25
CA PRO C 44 13.84 -20.07 -23.29
C PRO C 44 15.16 -20.79 -23.52
N HIS C 45 15.50 -21.07 -24.77
CA HIS C 45 16.77 -21.71 -25.08
C HIS C 45 17.96 -20.89 -24.57
N THR C 46 17.80 -19.57 -24.49
CA THR C 46 18.91 -18.75 -24.02
C THR C 46 19.08 -18.89 -22.52
N ARG C 47 17.97 -18.85 -21.79
CA ARG C 47 18.03 -19.03 -20.34
C ARG C 47 18.55 -20.41 -19.97
N LYS C 48 18.32 -21.41 -20.83
CA LYS C 48 18.82 -22.73 -20.49
C LYS C 48 20.31 -22.87 -20.78
N LEU C 49 20.81 -22.19 -21.81
CA LEU C 49 22.26 -22.16 -22.03
C LEU C 49 22.97 -21.49 -20.87
N VAL C 50 22.39 -20.41 -20.34
CA VAL C 50 23.02 -19.69 -19.26
C VAL C 50 23.08 -20.56 -18.01
N ARG C 51 21.99 -21.25 -17.69
CA ARG C 51 22.02 -22.27 -16.64
C ARG C 51 23.16 -23.24 -16.86
N ALA C 52 23.21 -23.88 -18.04
CA ALA C 52 24.27 -24.83 -18.32
C ALA C 52 25.64 -24.19 -18.11
N GLU C 53 25.78 -22.93 -18.52
CA GLU C 53 27.05 -22.23 -18.42
C GLU C 53 27.44 -21.96 -16.96
N ALA C 54 26.46 -21.61 -16.13
CA ALA C 54 26.71 -21.38 -14.71
C ALA C 54 27.07 -22.69 -14.01
N ASP C 55 26.43 -23.79 -14.39
CA ASP C 55 26.78 -25.08 -13.81
C ASP C 55 28.24 -25.42 -14.08
N ARG C 56 28.76 -25.07 -15.26
CA ARG C 56 30.15 -25.41 -15.55
C ARG C 56 31.12 -24.53 -14.77
N LEU C 57 30.77 -23.26 -14.59
CA LEU C 57 31.63 -22.35 -13.82
C LEU C 57 31.66 -22.73 -12.35
N LEU C 58 30.50 -23.06 -11.78
CA LEU C 58 30.45 -23.44 -10.37
C LEU C 58 31.28 -24.68 -10.08
N ASP C 59 31.20 -25.68 -10.97
CA ASP C 59 31.92 -26.94 -10.73
C ASP C 59 33.42 -26.71 -10.63
N GLN C 60 33.93 -25.67 -11.30
CA GLN C 60 35.36 -25.42 -11.35
C GLN C 60 35.82 -24.33 -10.38
N TYR C 61 34.96 -23.34 -10.10
CA TYR C 61 35.40 -22.13 -9.40
C TYR C 61 34.58 -21.79 -8.17
N ALA C 62 33.62 -22.62 -7.77
CA ALA C 62 32.73 -22.23 -6.67
C ALA C 62 33.54 -21.98 -5.41
N GLU C 63 33.24 -20.87 -4.74
CA GLU C 63 33.94 -20.42 -3.54
C GLU C 63 32.92 -20.17 -2.45
N ARG C 64 33.12 -20.77 -1.28
CA ARG C 64 32.17 -20.60 -0.18
C ARG C 64 32.36 -19.26 0.50
N ARG C 65 31.24 -18.67 0.94
CA ARG C 65 31.26 -17.44 1.73
C ARG C 65 30.36 -17.64 2.93
N ASP C 66 30.84 -17.21 4.11
CA ASP C 66 30.08 -17.25 5.37
C ASP C 66 30.53 -16.05 6.20
N LEU C 67 29.79 -14.94 6.07
CA LEU C 67 30.22 -13.69 6.67
C LEU C 67 29.02 -12.79 6.93
N ARG C 68 29.22 -11.84 7.85
CA ARG C 68 28.32 -10.73 8.07
C ARG C 68 29.04 -9.47 7.60
N LEU C 69 28.32 -8.54 6.99
CA LEU C 69 28.95 -7.39 6.35
C LEU C 69 28.65 -6.13 7.15
N ALA C 70 29.72 -5.47 7.63
CA ALA C 70 29.57 -4.27 8.45
C ALA C 70 28.76 -3.19 7.73
N THR C 71 28.97 -3.01 6.43
CA THR C 71 28.31 -1.94 5.72
C THR C 71 26.83 -2.22 5.44
N THR C 72 26.32 -3.39 5.80
CA THR C 72 24.87 -3.62 5.74
C THR C 72 24.37 -4.19 7.05
N ASP C 73 24.83 -3.58 8.15
CA ASP C 73 24.35 -3.87 9.51
C ASP C 73 24.66 -5.32 9.90
N TYR C 74 25.74 -5.87 9.36
CA TYR C 74 26.17 -7.22 9.68
C TYR C 74 25.14 -8.27 9.26
N THR C 75 24.40 -8.00 8.17
CA THR C 75 23.62 -9.08 7.59
C THR C 75 24.54 -10.11 6.95
N ARG C 76 24.01 -11.31 6.78
CA ARG C 76 24.76 -12.48 6.37
C ARG C 76 24.87 -12.61 4.86
N ARG C 77 25.99 -13.17 4.43
CA ARG C 77 26.16 -13.74 3.09
C ARG C 77 26.62 -15.17 3.34
N SER C 78 25.74 -16.12 3.05
CA SER C 78 26.03 -17.55 3.22
C SER C 78 25.69 -18.23 1.91
N MET C 79 26.73 -18.60 1.16
CA MET C 79 26.51 -19.00 -0.22
C MET C 79 27.86 -19.30 -0.84
N SER C 80 27.83 -19.95 -2.00
CA SER C 80 29.01 -20.02 -2.83
C SER C 80 28.88 -19.01 -3.96
N VAL C 81 30.03 -18.56 -4.45
CA VAL C 81 30.07 -17.56 -5.50
C VAL C 81 31.09 -17.99 -6.55
N VAL C 82 30.90 -17.47 -7.76
CA VAL C 82 31.93 -17.45 -8.78
C VAL C 82 32.28 -15.98 -9.04
N PRO C 83 33.54 -15.58 -8.94
CA PRO C 83 33.91 -14.16 -9.09
C PRO C 83 33.72 -13.67 -10.52
N SER C 84 33.60 -12.32 -10.63
CA SER C 84 33.28 -11.69 -11.91
C SER C 84 34.37 -11.95 -12.95
N GLU C 85 35.63 -11.69 -12.60
CA GLU C 85 36.67 -11.79 -13.62
C GLU C 85 36.87 -13.25 -14.07
N THR C 86 36.54 -14.20 -13.19
CA THR C 86 36.57 -15.61 -13.59
C THR C 86 35.44 -15.92 -14.59
N ILE C 87 34.25 -15.37 -14.37
CA ILE C 87 33.15 -15.61 -15.32
C ILE C 87 33.52 -15.04 -16.69
N ALA C 88 33.84 -13.74 -16.75
CA ALA C 88 34.13 -13.08 -18.03
C ALA C 88 35.20 -13.84 -18.81
N ALA C 89 36.28 -14.22 -18.14
CA ALA C 89 37.39 -14.90 -18.82
C ALA C 89 37.01 -16.29 -19.30
N ASN C 90 35.89 -16.87 -18.84
CA ASN C 90 35.58 -18.25 -19.16
C ASN C 90 34.18 -18.47 -19.73
N SER C 91 33.36 -17.42 -19.89
CA SER C 91 32.03 -17.56 -20.48
C SER C 91 31.83 -16.50 -21.55
N GLU C 92 32.11 -16.88 -22.81
CA GLU C 92 31.78 -16.00 -23.93
C GLU C 92 30.28 -15.91 -24.18
N LEU C 93 29.49 -16.85 -23.67
CA LEU C 93 28.04 -16.67 -23.73
C LEU C 93 27.60 -15.51 -22.83
N VAL C 94 28.12 -15.46 -21.60
CA VAL C 94 27.76 -14.40 -20.65
C VAL C 94 28.31 -13.04 -21.12
N THR C 95 29.56 -13.00 -21.58
CA THR C 95 30.10 -11.73 -22.07
C THR C 95 29.35 -11.24 -23.32
N GLY C 96 29.01 -12.16 -24.23
CA GLY C 96 28.21 -11.77 -25.38
C GLY C 96 26.89 -11.14 -24.98
N LEU C 97 26.15 -11.79 -24.07
CA LEU C 97 24.85 -11.27 -23.66
C LEU C 97 24.96 -9.90 -23.01
N TYR C 98 26.00 -9.68 -22.20
CA TYR C 98 26.16 -8.44 -21.43
C TYR C 98 26.30 -7.22 -22.34
N ALA C 99 26.82 -7.40 -23.54
CA ALA C 99 26.93 -6.33 -24.52
C ALA C 99 25.89 -6.45 -25.62
N HIS C 100 24.94 -7.39 -25.48
CA HIS C 100 24.06 -7.70 -26.61
C HIS C 100 23.03 -6.61 -26.79
N ARG C 101 23.01 -6.03 -27.99
CA ARG C 101 22.14 -4.88 -28.25
C ARG C 101 20.66 -5.24 -28.12
N GLU C 102 20.26 -6.39 -28.64
CA GLU C 102 18.85 -6.79 -28.56
C GLU C 102 18.39 -7.03 -27.13
N LEU C 103 19.31 -7.29 -26.19
CA LEU C 103 18.94 -7.40 -24.78
C LEU C 103 19.03 -6.04 -24.08
N LEU C 104 20.07 -5.25 -24.37
CA LEU C 104 20.19 -3.94 -23.72
C LEU C 104 19.05 -3.00 -24.13
N ALA C 105 18.60 -3.05 -25.40
CA ALA C 105 17.58 -2.12 -25.87
C ALA C 105 16.32 -2.12 -25.03
N PRO C 106 15.61 -3.25 -24.88
CA PRO C 106 14.39 -3.25 -24.04
C PRO C 106 14.67 -2.91 -22.58
N LEU C 107 15.79 -3.37 -22.02
CA LEU C 107 16.13 -3.00 -20.65
C LEU C 107 16.22 -1.47 -20.48
N GLU C 108 16.91 -0.77 -21.40
CA GLU C 108 17.01 0.68 -21.30
C GLU C 108 15.65 1.36 -21.49
N ALA C 109 14.80 0.84 -22.39
CA ALA C 109 13.45 1.39 -22.50
C ALA C 109 12.67 1.17 -21.20
N ILE C 110 12.83 -0.01 -20.59
CA ILE C 110 12.16 -0.26 -19.32
C ILE C 110 12.72 0.68 -18.25
N ALA C 111 14.06 0.83 -18.20
CA ALA C 111 14.70 1.65 -17.17
C ALA C 111 14.47 3.13 -17.41
N GLY C 112 14.28 3.52 -18.66
CA GLY C 112 14.23 4.91 -19.08
C GLY C 112 15.56 5.62 -19.20
N GLU C 113 16.68 4.90 -19.26
CA GLU C 113 18.01 5.52 -19.30
C GLU C 113 19.03 4.48 -19.76
N ARG C 114 20.21 4.97 -20.15
CA ARG C 114 21.26 4.12 -20.71
C ARG C 114 21.82 3.16 -19.67
N LEU C 115 22.11 1.93 -20.10
CA LEU C 115 22.85 0.98 -19.28
C LEU C 115 24.32 0.98 -19.71
N HIS C 116 25.23 1.38 -18.75
CA HIS C 116 26.64 1.40 -19.11
C HIS C 116 27.37 0.20 -18.53
N PRO C 117 28.37 -0.32 -19.25
CA PRO C 117 29.20 -1.37 -18.68
C PRO C 117 29.69 -0.95 -17.30
N CYS C 118 29.64 -1.90 -16.36
CA CYS C 118 30.13 -1.64 -15.02
C CYS C 118 31.62 -1.29 -15.09
N PRO C 119 32.06 -0.17 -14.50
CA PRO C 119 33.47 0.22 -14.60
C PRO C 119 34.36 -0.53 -13.64
N LYS C 120 33.79 -1.33 -12.75
CA LYS C 120 34.52 -2.18 -11.81
C LYS C 120 34.58 -3.58 -12.40
N ALA C 121 35.79 -4.04 -12.73
CA ALA C 121 35.96 -5.36 -13.34
C ALA C 121 35.52 -6.47 -12.40
N ASP C 122 35.52 -6.22 -11.09
CA ASP C 122 35.13 -7.23 -10.13
C ASP C 122 33.61 -7.26 -9.86
N GLU C 123 32.80 -6.46 -10.59
CA GLU C 123 31.36 -6.48 -10.34
C GLU C 123 30.51 -6.59 -11.61
N GLU C 124 31.09 -6.87 -12.78
CA GLU C 124 30.27 -7.06 -13.98
C GLU C 124 29.32 -8.24 -13.83
N PHE C 125 29.81 -9.37 -13.29
CA PHE C 125 29.04 -10.60 -13.16
C PHE C 125 29.28 -11.22 -11.79
N LEU C 126 28.25 -11.91 -11.30
CA LEU C 126 28.38 -12.69 -10.09
C LEU C 126 27.43 -13.87 -10.23
N ILE C 127 27.93 -15.06 -9.87
CA ILE C 127 27.12 -16.25 -9.73
C ILE C 127 27.07 -16.62 -8.25
N THR C 128 25.87 -16.81 -7.71
CA THR C 128 25.75 -17.25 -6.33
C THR C 128 25.01 -18.59 -6.29
N ARG C 129 25.42 -19.40 -5.33
CA ARG C 129 24.78 -20.68 -5.08
C ARG C 129 24.52 -20.79 -3.60
N GLN C 130 23.24 -20.81 -3.23
CA GLN C 130 22.81 -21.14 -1.89
C GLN C 130 22.43 -22.61 -1.88
N GLU C 131 22.97 -23.35 -0.93
CA GLU C 131 23.00 -24.81 -1.01
C GLU C 131 22.54 -25.43 0.30
N GLN C 132 22.75 -24.73 1.41
CA GLN C 132 22.57 -25.30 2.73
C GLN C 132 21.44 -24.58 3.46
N ARG C 133 20.71 -25.34 4.28
CA ARG C 133 19.74 -24.73 5.18
C ARG C 133 20.34 -23.51 5.84
N GLY C 134 19.57 -22.42 5.86
CA GLY C 134 20.04 -21.17 6.41
C GLY C 134 20.70 -20.24 5.39
N ASP C 135 21.06 -20.74 4.22
CA ASP C 135 21.77 -19.89 3.26
C ASP C 135 20.88 -18.74 2.81
N THR C 136 21.50 -17.59 2.62
CA THR C 136 20.76 -16.36 2.39
C THR C 136 21.70 -15.34 1.78
N HIS C 137 21.13 -14.47 0.95
CA HIS C 137 21.77 -13.23 0.52
C HIS C 137 21.10 -12.13 1.33
N GLY C 138 21.69 -11.80 2.48
CA GLY C 138 21.07 -10.91 3.45
C GLY C 138 20.95 -9.46 2.97
N TRP C 139 20.11 -8.72 3.70
CA TRP C 139 19.68 -7.38 3.25
C TRP C 139 20.87 -6.52 2.80
N HIS C 140 20.70 -5.84 1.68
CA HIS C 140 21.74 -5.01 1.08
C HIS C 140 21.17 -4.16 -0.04
N TRP C 141 22.00 -3.25 -0.54
CA TRP C 141 21.81 -2.57 -1.81
C TRP C 141 23.01 -2.87 -2.71
N GLY C 142 22.96 -2.37 -3.94
CA GLY C 142 24.10 -2.43 -4.84
C GLY C 142 24.83 -1.10 -4.91
N ASP C 143 26.14 -1.16 -5.17
CA ASP C 143 26.91 0.04 -5.47
C ASP C 143 26.53 0.65 -6.81
N PHE C 144 25.93 -0.15 -7.70
CA PHE C 144 25.55 0.32 -9.02
C PHE C 144 24.04 0.19 -9.20
N SER C 145 23.56 0.86 -10.27
CA SER C 145 22.14 1.13 -10.41
C SER C 145 21.32 -0.11 -10.78
N PHE C 146 21.87 -1.01 -11.59
CA PHE C 146 21.05 -2.01 -12.27
C PHE C 146 21.64 -3.42 -12.15
N ALA C 147 20.77 -4.41 -12.00
CA ALA C 147 21.18 -5.81 -12.13
C ALA C 147 20.10 -6.58 -12.89
N LEU C 148 20.52 -7.45 -13.79
CA LEU C 148 19.63 -8.41 -14.44
C LEU C 148 19.96 -9.76 -13.80
N ILE C 149 19.01 -10.29 -13.03
CA ILE C 149 19.22 -11.49 -12.24
C ILE C 149 18.56 -12.65 -12.98
N TRP C 150 19.39 -13.61 -13.38
CA TRP C 150 18.92 -14.84 -14.02
C TRP C 150 18.73 -15.87 -12.92
N VAL C 151 17.47 -16.22 -12.64
CA VAL C 151 17.20 -17.26 -11.66
C VAL C 151 17.39 -18.60 -12.37
N LEU C 152 18.58 -19.18 -12.21
CA LEU C 152 18.89 -20.40 -12.94
C LEU C 152 18.28 -21.62 -12.27
N GLN C 153 18.32 -21.66 -10.95
CA GLN C 153 17.66 -22.76 -10.20
C GLN C 153 17.00 -22.20 -8.95
N ALA C 154 15.72 -22.49 -8.74
CA ALA C 154 14.99 -22.02 -7.58
C ALA C 154 14.23 -23.18 -6.96
N PRO C 155 14.30 -23.36 -5.64
CA PRO C 155 13.55 -24.41 -5.00
C PRO C 155 12.07 -24.08 -4.96
N PRO C 156 11.24 -25.04 -4.55
CA PRO C 156 9.81 -24.75 -4.34
C PRO C 156 9.62 -23.61 -3.36
N ILE C 157 8.43 -22.99 -3.47
CA ILE C 157 8.14 -21.76 -2.72
C ILE C 157 8.27 -21.96 -1.22
N ASP C 158 7.90 -23.13 -0.69
CA ASP C 158 7.92 -23.30 0.77
C ASP C 158 9.31 -23.62 1.32
N VAL C 159 10.32 -23.73 0.47
CA VAL C 159 11.71 -23.92 0.91
C VAL C 159 12.44 -22.59 1.15
N GLY C 160 11.87 -21.49 0.71
CA GLY C 160 12.50 -20.18 0.80
C GLY C 160 13.21 -19.77 -0.48
N GLY C 161 14.17 -18.86 -0.31
CA GLY C 161 14.88 -18.31 -1.43
C GLY C 161 14.11 -17.25 -2.17
N LEU C 162 12.94 -16.84 -1.65
CA LEU C 162 12.20 -15.73 -2.24
C LEU C 162 13.02 -14.44 -2.17
N LEU C 163 12.74 -13.51 -3.08
CA LEU C 163 13.34 -12.17 -3.04
C LEU C 163 12.44 -11.23 -2.26
N GLN C 164 13.03 -10.45 -1.36
CA GLN C 164 12.26 -9.36 -0.74
C GLN C 164 12.86 -8.01 -1.09
N CYS C 165 11.98 -7.03 -1.36
CA CYS C 165 12.41 -5.69 -1.81
C CYS C 165 11.70 -4.60 -1.05
N VAL C 166 12.44 -3.53 -0.81
CA VAL C 166 11.89 -2.26 -0.36
C VAL C 166 12.40 -1.19 -1.32
N PRO C 167 11.62 -0.80 -2.33
CA PRO C 167 12.11 0.19 -3.30
C PRO C 167 12.15 1.58 -2.70
N HIS C 168 12.78 2.51 -3.43
CA HIS C 168 12.84 3.92 -3.04
C HIS C 168 13.54 4.12 -1.69
N THR C 169 14.68 3.46 -1.55
CA THR C 169 15.53 3.65 -0.37
C THR C 169 16.93 4.02 -0.89
N THR C 170 17.93 4.15 -0.01
CA THR C 170 19.30 4.28 -0.49
C THR C 170 20.28 3.75 0.55
N TRP C 171 21.52 3.54 0.12
CA TRP C 171 22.55 2.85 0.90
C TRP C 171 23.53 3.89 1.49
N ASP C 172 23.45 4.12 2.80
CA ASP C 172 24.45 4.90 3.54
C ASP C 172 25.36 3.93 4.29
N LYS C 173 26.55 3.69 3.74
CA LYS C 173 27.42 2.66 4.33
C LYS C 173 27.89 3.03 5.74
N ALA C 174 27.87 4.31 6.11
CA ALA C 174 28.22 4.71 7.47
C ALA C 174 27.08 4.50 8.45
N SER C 175 25.83 4.39 7.96
CA SER C 175 24.69 4.23 8.84
C SER C 175 23.55 3.57 8.06
N PRO C 176 23.64 2.26 7.79
CA PRO C 176 22.71 1.66 6.82
C PRO C 176 21.24 1.68 7.26
N GLN C 177 20.99 1.49 8.56
CA GLN C 177 19.65 1.56 9.14
C GLN C 177 18.64 0.76 8.33
N ILE C 178 19.03 -0.46 7.95
CA ILE C 178 18.15 -1.35 7.21
C ILE C 178 16.84 -1.57 7.95
N ASN C 179 16.91 -1.97 9.22
CA ASN C 179 15.68 -2.31 9.93
C ASN C 179 14.77 -1.09 10.04
N ARG C 180 15.34 0.12 10.17
CA ARG C 180 14.51 1.32 10.08
C ARG C 180 13.80 1.39 8.73
N TYR C 181 14.50 1.06 7.64
CA TYR C 181 13.83 1.05 6.34
C TYR C 181 12.67 0.05 6.29
N LEU C 182 12.84 -1.13 6.90
CA LEU C 182 11.75 -2.11 6.96
C LEU C 182 10.58 -1.59 7.78
N VAL C 183 10.88 -0.92 8.88
CA VAL C 183 9.82 -0.35 9.72
C VAL C 183 9.06 0.73 8.96
N GLU C 184 9.76 1.52 8.12
CA GLU C 184 9.17 2.69 7.49
C GLU C 184 8.48 2.41 6.15
N ASN C 185 8.62 1.21 5.58
CA ASN C 185 8.06 0.89 4.27
C ASN C 185 7.50 -0.52 4.23
N PRO C 186 6.47 -0.77 3.41
CA PRO C 186 6.04 -2.16 3.21
C PRO C 186 7.12 -2.91 2.45
N ILE C 187 7.18 -4.22 2.69
CA ILE C 187 8.09 -5.12 2.00
C ILE C 187 7.28 -5.90 0.96
N ASP C 188 7.80 -5.96 -0.25
CA ASP C 188 7.22 -6.84 -1.26
C ASP C 188 8.06 -8.10 -1.38
N THR C 189 7.40 -9.23 -1.57
CA THR C 189 8.04 -10.53 -1.66
C THR C 189 7.78 -11.15 -3.03
N TYR C 190 8.79 -11.79 -3.59
CA TYR C 190 8.65 -12.33 -4.94
C TYR C 190 9.16 -13.75 -4.97
N HIS C 191 8.40 -14.61 -5.65
CA HIS C 191 8.76 -16.01 -5.81
C HIS C 191 9.08 -16.23 -7.29
N PHE C 192 10.32 -16.62 -7.56
CA PHE C 192 10.81 -16.81 -8.92
C PHE C 192 11.07 -18.29 -9.13
N GLU C 193 10.60 -18.81 -10.26
CA GLU C 193 10.86 -20.20 -10.61
C GLU C 193 12.13 -20.33 -11.44
N SER C 194 12.65 -21.55 -11.53
CA SER C 194 13.79 -21.80 -12.38
C SER C 194 13.53 -21.25 -13.77
N GLY C 195 14.53 -20.56 -14.34
CA GLY C 195 14.44 -20.00 -15.66
C GLY C 195 13.87 -18.60 -15.72
N ASP C 196 13.37 -18.06 -14.60
CA ASP C 196 12.90 -16.69 -14.59
C ASP C 196 14.06 -15.72 -14.75
N VAL C 197 13.74 -14.49 -15.14
CA VAL C 197 14.72 -13.41 -15.20
C VAL C 197 14.02 -12.14 -14.76
N TYR C 198 14.64 -11.43 -13.83
CA TYR C 198 14.09 -10.15 -13.39
C TYR C 198 15.17 -9.07 -13.46
N PHE C 199 14.68 -7.83 -13.40
CA PHE C 199 15.45 -6.63 -13.66
C PHE C 199 15.27 -5.75 -12.42
N LEU C 200 16.37 -5.37 -11.78
CA LEU C 200 16.31 -4.79 -10.44
C LEU C 200 17.09 -3.47 -10.39
N ARG C 201 16.45 -2.45 -9.84
CA ARG C 201 17.10 -1.18 -9.57
C ARG C 201 17.81 -1.32 -8.21
N THR C 202 19.09 -1.74 -8.27
CA THR C 202 19.80 -2.23 -7.09
C THR C 202 20.25 -1.11 -6.14
N ASP C 203 20.42 0.13 -6.63
CA ASP C 203 20.95 1.13 -5.73
C ASP C 203 19.85 1.74 -4.85
N THR C 204 18.60 1.72 -5.28
CA THR C 204 17.54 2.29 -4.47
C THR C 204 16.54 1.24 -3.98
N THR C 205 16.77 -0.04 -4.29
CA THR C 205 15.90 -1.12 -3.84
C THR C 205 16.65 -1.99 -2.82
N LEU C 206 16.32 -1.80 -1.55
CA LEU C 206 16.87 -2.65 -0.49
C LEU C 206 16.33 -4.06 -0.69
N HIS C 207 17.17 -5.08 -0.67
CA HIS C 207 16.63 -6.39 -1.00
C HIS C 207 17.48 -7.51 -0.39
N ARG C 208 16.86 -8.70 -0.31
CA ARG C 208 17.48 -9.90 0.22
C ARG C 208 16.80 -11.13 -0.37
N THR C 209 17.39 -12.30 -0.11
CA THR C 209 16.70 -13.57 -0.32
C THR C 209 16.39 -14.18 1.05
N ILE C 210 15.19 -14.79 1.15
CA ILE C 210 14.76 -15.38 2.41
C ILE C 210 15.57 -16.65 2.67
N PRO C 211 16.14 -16.81 3.86
CA PRO C 211 16.98 -17.99 4.14
C PRO C 211 16.28 -19.29 3.75
N LEU C 212 17.04 -20.22 3.18
CA LEU C 212 16.51 -21.52 2.85
C LEU C 212 16.09 -22.28 4.12
N ARG C 213 14.92 -22.90 4.07
CA ARG C 213 14.45 -23.70 5.20
C ARG C 213 15.06 -25.09 5.24
N GLU C 214 15.74 -25.51 4.18
CA GLU C 214 16.39 -26.82 4.15
C GLU C 214 17.47 -26.82 3.07
N ASP C 215 18.29 -27.87 3.08
CA ASP C 215 19.25 -28.06 2.01
C ASP C 215 18.53 -28.11 0.67
N THR C 216 19.08 -27.41 -0.31
CA THR C 216 18.52 -27.48 -1.65
C THR C 216 19.48 -26.76 -2.59
N THR C 217 19.01 -26.38 -3.76
CA THR C 217 19.87 -25.74 -4.73
C THR C 217 19.18 -24.50 -5.27
N ARG C 218 19.87 -23.36 -5.18
CA ARG C 218 19.37 -22.10 -5.68
C ARG C 218 20.55 -21.38 -6.31
N ILE C 219 20.48 -21.13 -7.61
CA ILE C 219 21.58 -20.52 -8.34
C ILE C 219 21.05 -19.34 -9.12
N ILE C 220 21.80 -18.24 -9.12
CA ILE C 220 21.46 -17.09 -9.94
C ILE C 220 22.73 -16.59 -10.61
N LEU C 221 22.54 -15.93 -11.74
CA LEU C 221 23.58 -15.15 -12.40
C LEU C 221 23.14 -13.69 -12.39
N ASN C 222 24.05 -12.82 -11.95
CA ASN C 222 23.79 -11.39 -11.83
C ASN C 222 24.66 -10.69 -12.87
N MET C 223 24.02 -9.96 -13.79
CA MET C 223 24.68 -8.98 -14.64
C MET C 223 24.40 -7.58 -14.08
N THR C 224 25.46 -6.84 -13.77
CA THR C 224 25.33 -5.53 -13.14
C THR C 224 25.82 -4.48 -14.14
N TRP C 225 25.03 -3.42 -14.30
CA TRP C 225 25.37 -2.26 -15.11
C TRP C 225 25.32 -1.00 -14.26
N ALA C 226 26.15 -0.03 -14.64
CA ALA C 226 26.04 1.32 -14.10
C ALA C 226 24.97 2.11 -14.85
N GLY C 227 24.27 2.97 -14.10
CA GLY C 227 23.63 4.13 -14.70
C GLY C 227 24.61 5.28 -14.82
N GLU C 228 24.29 6.26 -15.66
CA GLU C 228 25.18 7.39 -15.80
C GLU C 228 25.48 8.00 -14.43
N ARG C 229 24.55 7.89 -13.48
CA ARG C 229 24.76 8.43 -12.14
C ARG C 229 25.90 7.78 -11.38
N ASP C 230 26.31 6.55 -11.76
CA ASP C 230 27.32 5.79 -11.02
C ASP C 230 28.75 6.09 -11.44
N LEU C 231 28.94 6.67 -12.62
CA LEU C 231 30.29 6.76 -13.18
C LEU C 231 31.16 7.72 -12.37
N SER C 232 30.56 8.78 -11.80
CA SER C 232 31.31 9.71 -10.97
C SER C 232 31.69 9.13 -9.60
N ARG C 233 30.96 8.14 -9.11
CA ARG C 233 31.09 7.71 -7.72
C ARG C 233 32.42 6.98 -7.49
N LYS C 234 33.17 7.40 -6.47
CA LYS C 234 34.37 6.69 -6.03
C LYS C 234 34.00 5.73 -4.89
N LEU C 235 34.29 4.44 -5.08
CA LEU C 235 33.83 3.36 -4.17
C LEU C 235 34.91 3.12 -3.12
N ALA C 236 34.71 3.67 -1.92
CA ALA C 236 35.77 3.73 -0.93
C ALA C 236 35.75 2.58 0.08
N ALA C 237 34.58 2.00 0.33
CA ALA C 237 34.48 1.02 1.41
C ALA C 237 35.18 -0.29 1.06
N ASP C 238 35.84 -0.87 2.07
CA ASP C 238 36.46 -2.19 1.92
C ASP C 238 35.44 -3.28 2.22
N ASP C 239 34.44 -3.40 1.34
CA ASP C 239 33.36 -4.35 1.61
C ASP C 239 33.01 -5.23 0.40
N ARG C 240 33.93 -5.38 -0.55
CA ARG C 240 33.62 -6.10 -1.80
C ARG C 240 33.82 -7.60 -1.55
N TRP C 241 32.95 -8.12 -0.67
CA TRP C 241 33.11 -9.44 -0.08
C TRP C 241 33.01 -10.57 -1.11
N TRP C 242 32.22 -10.39 -2.19
CA TRP C 242 31.96 -11.50 -3.12
C TRP C 242 33.19 -11.87 -3.92
N ASP C 243 34.12 -10.92 -4.07
CA ASP C 243 35.37 -11.10 -4.77
C ASP C 243 36.52 -11.51 -3.85
N ASN C 244 36.40 -11.20 -2.55
CA ASN C 244 37.46 -11.46 -1.56
C ASN C 244 36.80 -11.58 -0.20
N ALA C 245 36.68 -12.80 0.32
CA ALA C 245 36.10 -12.96 1.65
C ALA C 245 36.88 -12.22 2.73
N GLU C 246 38.09 -11.78 2.44
CA GLU C 246 38.99 -11.22 3.46
C GLU C 246 38.86 -9.70 3.63
N VAL C 247 37.86 -9.06 3.01
CA VAL C 247 37.77 -7.60 3.08
C VAL C 247 37.41 -7.16 4.49
N SER C 248 37.91 -5.99 4.89
CA SER C 248 37.83 -5.58 6.29
C SER C 248 36.40 -5.48 6.79
N ALA C 249 35.45 -5.12 5.92
CA ALA C 249 34.07 -5.00 6.35
C ALA C 249 33.44 -6.37 6.67
N ALA C 250 34.04 -7.46 6.20
CA ALA C 250 33.46 -8.80 6.35
C ALA C 250 33.91 -9.42 7.67
N ARG C 251 32.95 -9.88 8.47
CA ARG C 251 33.24 -10.57 9.72
C ARG C 251 32.72 -12.00 9.63
N ALA C 252 33.60 -12.96 9.91
CA ALA C 252 33.27 -14.39 9.81
C ALA C 252 32.06 -14.73 10.68
N ILE C 253 31.25 -15.69 10.19
CA ILE C 253 30.13 -16.20 10.97
C ILE C 253 30.64 -16.86 12.24
N LYS C 254 29.97 -16.59 13.36
CA LYS C 254 30.42 -17.12 14.64
C LYS C 254 29.90 -18.55 14.85
N ASP C 255 30.75 -19.38 15.47
CA ASP C 255 30.44 -20.80 15.70
C ASP C 255 29.12 -20.99 16.46
N LEU D 11 -37.40 -19.82 -4.00
CA LEU D 11 -36.41 -19.62 -5.05
C LEU D 11 -35.42 -20.79 -5.04
N LYS D 12 -34.82 -21.06 -6.20
CA LYS D 12 -33.93 -22.21 -6.34
C LYS D 12 -32.78 -21.85 -7.27
N ASP D 13 -31.66 -22.56 -7.08
CA ASP D 13 -30.40 -22.25 -7.74
C ASP D 13 -30.14 -20.75 -7.84
N VAL D 14 -30.43 -20.03 -6.74
CA VAL D 14 -30.06 -18.62 -6.68
C VAL D 14 -28.55 -18.46 -6.67
N CYS D 15 -27.84 -19.38 -6.02
CA CYS D 15 -26.42 -19.25 -5.78
C CYS D 15 -25.67 -20.44 -6.35
N ALA D 16 -24.40 -20.21 -6.69
CA ALA D 16 -23.52 -21.28 -7.13
C ALA D 16 -22.79 -21.86 -5.92
N PRO D 17 -22.33 -23.11 -6.02
CA PRO D 17 -21.52 -23.68 -4.93
C PRO D 17 -20.10 -23.10 -4.92
N LEU D 18 -19.63 -22.76 -3.74
CA LEU D 18 -18.27 -22.30 -3.51
C LEU D 18 -17.55 -23.25 -2.55
N GLU D 19 -16.25 -23.42 -2.78
CA GLU D 19 -15.42 -24.24 -1.91
C GLU D 19 -14.85 -23.42 -0.77
N LYS D 20 -14.26 -24.12 0.20
CA LYS D 20 -13.66 -23.45 1.35
C LYS D 20 -12.59 -22.44 0.90
N ASP D 21 -11.72 -22.83 -0.03
CA ASP D 21 -10.66 -21.92 -0.46
C ASP D 21 -11.23 -20.67 -1.16
N ASP D 22 -12.39 -20.78 -1.82
CA ASP D 22 -13.03 -19.62 -2.41
C ASP D 22 -13.57 -18.69 -1.34
N ILE D 23 -14.26 -19.23 -0.33
CA ILE D 23 -14.76 -18.40 0.77
C ILE D 23 -13.61 -17.67 1.46
N ARG D 24 -12.52 -18.38 1.72
CA ARG D 24 -11.38 -17.76 2.40
CA ARG D 24 -11.40 -17.75 2.41
C ARG D 24 -10.79 -16.62 1.57
N ARG D 25 -10.66 -16.84 0.25
CA ARG D 25 -10.16 -15.76 -0.62
C ARG D 25 -11.05 -14.52 -0.56
N LEU D 26 -12.38 -14.72 -0.61
CA LEU D 26 -13.34 -13.62 -0.62
C LEU D 26 -13.39 -12.93 0.74
N SER D 27 -13.37 -13.71 1.82
CA SER D 27 -13.35 -13.13 3.15
C SER D 27 -12.10 -12.28 3.38
N GLN D 28 -10.93 -12.78 2.96
CA GLN D 28 -9.70 -12.00 3.14
C GLN D 28 -9.76 -10.66 2.41
N ALA D 29 -10.27 -10.66 1.17
CA ALA D 29 -10.36 -9.40 0.42
C ALA D 29 -11.42 -8.48 1.03
N PHE D 30 -12.56 -9.04 1.45
CA PHE D 30 -13.63 -8.25 2.05
C PHE D 30 -13.12 -7.55 3.30
N HIS D 31 -12.34 -8.24 4.12
CA HIS D 31 -11.79 -7.62 5.33
C HIS D 31 -10.69 -6.64 4.98
N ARG D 32 -9.79 -7.01 4.08
CA ARG D 32 -8.70 -6.08 3.78
C ARG D 32 -9.23 -4.78 3.18
N PHE D 33 -10.13 -4.91 2.22
CA PHE D 33 -10.53 -3.78 1.39
C PHE D 33 -11.89 -3.20 1.72
N GLY D 34 -12.67 -3.84 2.61
CA GLY D 34 -14.04 -3.42 2.85
C GLY D 34 -15.03 -3.81 1.78
N ILE D 35 -14.60 -4.51 0.73
CA ILE D 35 -15.47 -4.78 -0.40
C ILE D 35 -14.90 -5.98 -1.10
N VAL D 36 -15.78 -6.79 -1.68
CA VAL D 36 -15.31 -7.89 -2.53
C VAL D 36 -16.37 -8.15 -3.59
N THR D 37 -15.92 -8.50 -4.80
CA THR D 37 -16.86 -8.92 -5.83
C THR D 37 -17.39 -10.33 -5.55
N VAL D 38 -18.72 -10.48 -5.56
CA VAL D 38 -19.35 -11.77 -5.27
C VAL D 38 -20.18 -12.26 -6.46
N THR D 39 -19.88 -11.76 -7.66
CA THR D 39 -20.54 -12.23 -8.88
C THR D 39 -20.48 -13.76 -9.03
N GLU D 40 -19.31 -14.35 -8.77
CA GLU D 40 -19.15 -15.81 -8.87
C GLU D 40 -20.11 -16.56 -7.96
N LEU D 41 -20.60 -15.92 -6.92
CA LEU D 41 -21.48 -16.62 -5.99
C LEU D 41 -22.91 -16.70 -6.50
N ILE D 42 -23.34 -15.78 -7.36
CA ILE D 42 -24.76 -15.66 -7.72
C ILE D 42 -24.98 -16.06 -9.17
N GLU D 43 -26.01 -16.87 -9.39
CA GLU D 43 -26.27 -17.42 -10.72
C GLU D 43 -26.60 -16.31 -11.72
N PRO D 44 -26.08 -16.40 -12.96
CA PRO D 44 -26.42 -15.40 -13.99
C PRO D 44 -27.92 -15.21 -14.16
N HIS D 45 -28.68 -16.31 -14.21
CA HIS D 45 -30.14 -16.20 -14.30
C HIS D 45 -30.69 -15.29 -13.21
N THR D 46 -30.26 -15.52 -11.97
CA THR D 46 -30.73 -14.69 -10.86
C THR D 46 -30.43 -13.22 -11.11
N ARG D 47 -29.20 -12.92 -11.52
CA ARG D 47 -28.84 -11.53 -11.79
C ARG D 47 -29.67 -10.96 -12.94
N LYS D 48 -29.89 -11.76 -13.99
CA LYS D 48 -30.83 -11.34 -15.02
C LYS D 48 -32.22 -11.07 -14.44
N LEU D 49 -32.75 -11.99 -13.64
CA LEU D 49 -34.08 -11.76 -13.07
C LEU D 49 -34.13 -10.46 -12.27
N VAL D 50 -33.07 -10.16 -11.50
CA VAL D 50 -33.09 -8.97 -10.64
C VAL D 50 -33.08 -7.69 -11.47
N ARG D 51 -32.30 -7.69 -12.54
CA ARG D 51 -32.27 -6.46 -13.36
C ARG D 51 -33.65 -6.21 -13.98
N ALA D 52 -34.26 -7.27 -14.52
CA ALA D 52 -35.63 -7.14 -15.03
C ALA D 52 -36.55 -6.57 -13.96
N GLU D 53 -36.45 -7.12 -12.74
CA GLU D 53 -37.24 -6.64 -11.61
C GLU D 53 -36.99 -5.16 -11.35
N ALA D 54 -35.72 -4.73 -11.32
CA ALA D 54 -35.41 -3.33 -11.06
C ALA D 54 -35.92 -2.43 -12.18
N ASP D 55 -35.76 -2.86 -13.43
CA ASP D 55 -36.38 -2.16 -14.57
C ASP D 55 -37.87 -1.91 -14.33
N ARG D 56 -38.62 -2.98 -13.99
CA ARG D 56 -40.06 -2.83 -13.79
C ARG D 56 -40.36 -1.89 -12.64
N LEU D 57 -39.59 -1.99 -11.55
CA LEU D 57 -39.78 -1.12 -10.41
C LEU D 57 -39.47 0.33 -10.75
N LEU D 58 -38.41 0.57 -11.54
CA LEU D 58 -38.05 1.93 -11.88
C LEU D 58 -39.10 2.56 -12.78
N ASP D 59 -39.65 1.79 -13.71
CA ASP D 59 -40.69 2.33 -14.59
C ASP D 59 -41.83 2.96 -13.80
N GLN D 60 -42.26 2.32 -12.71
CA GLN D 60 -43.45 2.76 -12.00
C GLN D 60 -43.15 3.69 -10.82
N TYR D 61 -41.95 3.64 -10.23
CA TYR D 61 -41.74 4.32 -8.96
C TYR D 61 -40.48 5.17 -8.87
N ALA D 62 -39.65 5.23 -9.92
CA ALA D 62 -38.44 6.03 -9.85
C ALA D 62 -38.78 7.47 -9.52
N GLU D 63 -38.07 8.05 -8.55
CA GLU D 63 -38.21 9.45 -8.18
C GLU D 63 -36.81 10.07 -8.07
N ARG D 64 -36.72 11.35 -8.39
CA ARG D 64 -35.43 12.01 -8.52
C ARG D 64 -34.97 12.62 -7.21
N ARG D 65 -33.65 12.57 -6.97
CA ARG D 65 -33.00 13.20 -5.82
C ARG D 65 -31.86 14.08 -6.29
N ASP D 66 -31.76 15.28 -5.68
CA ASP D 66 -30.72 16.26 -6.02
C ASP D 66 -30.46 17.06 -4.76
N LEU D 67 -29.39 16.74 -4.05
CA LEU D 67 -29.20 17.38 -2.75
C LEU D 67 -27.77 17.13 -2.28
N ARG D 68 -27.36 17.93 -1.30
CA ARG D 68 -26.13 17.72 -0.55
C ARG D 68 -26.52 17.41 0.89
N LEU D 69 -25.72 16.57 1.57
CA LEU D 69 -26.09 16.02 2.88
C LEU D 69 -25.16 16.54 3.96
N ALA D 70 -25.74 17.14 5.00
CA ALA D 70 -24.94 17.79 6.05
C ALA D 70 -24.09 16.79 6.83
N THR D 71 -24.58 15.57 7.04
CA THR D 71 -23.84 14.60 7.84
C THR D 71 -22.73 13.90 7.07
N THR D 72 -22.47 14.30 5.82
CA THR D 72 -21.31 13.79 5.10
C THR D 72 -20.62 14.95 4.41
N ASP D 73 -20.42 16.06 5.12
CA ASP D 73 -19.70 17.23 4.63
C ASP D 73 -20.35 17.82 3.37
N TYR D 74 -21.68 17.70 3.30
CA TYR D 74 -22.46 18.24 2.20
C TYR D 74 -22.02 17.70 0.84
N THR D 75 -21.61 16.44 0.79
CA THR D 75 -21.40 15.79 -0.49
C THR D 75 -22.76 15.55 -1.17
N ARG D 76 -22.70 15.35 -2.48
CA ARG D 76 -23.90 15.37 -3.31
C ARG D 76 -24.57 14.01 -3.42
N ARG D 77 -25.89 14.05 -3.62
CA ARG D 77 -26.69 12.90 -4.01
C ARG D 77 -27.50 13.32 -5.23
N SER D 78 -27.12 12.83 -6.41
CA SER D 78 -27.79 13.20 -7.66
C SER D 78 -28.11 11.93 -8.44
N MET D 79 -29.38 11.54 -8.42
CA MET D 79 -29.84 10.26 -8.92
C MET D 79 -31.33 10.15 -8.69
N SER D 80 -31.95 9.24 -9.44
CA SER D 80 -33.27 8.75 -9.11
C SER D 80 -33.16 7.52 -8.21
N VAL D 81 -34.17 7.34 -7.37
CA VAL D 81 -34.23 6.24 -6.41
C VAL D 81 -35.63 5.65 -6.41
N VAL D 82 -35.72 4.40 -5.97
CA VAL D 82 -37.00 3.79 -5.61
C VAL D 82 -36.91 3.40 -4.14
N PRO D 83 -37.80 3.87 -3.27
CA PRO D 83 -37.63 3.67 -1.82
C PRO D 83 -37.81 2.22 -1.39
N SER D 84 -37.31 1.94 -0.19
CA SER D 84 -37.28 0.57 0.33
C SER D 84 -38.68 -0.03 0.41
N GLU D 85 -39.60 0.65 1.10
CA GLU D 85 -40.92 0.06 1.33
C GLU D 85 -41.69 -0.12 0.03
N THR D 86 -41.51 0.77 -0.94
CA THR D 86 -42.08 0.52 -2.27
C THR D 86 -41.53 -0.76 -2.86
N ILE D 87 -40.23 -0.99 -2.75
CA ILE D 87 -39.62 -2.22 -3.27
C ILE D 87 -40.22 -3.42 -2.56
N ALA D 88 -40.29 -3.36 -1.23
CA ALA D 88 -40.66 -4.53 -0.44
C ALA D 88 -42.09 -4.95 -0.71
N ALA D 89 -42.98 -3.99 -0.96
CA ALA D 89 -44.39 -4.31 -1.19
C ALA D 89 -44.65 -4.77 -2.62
N ASN D 90 -43.74 -4.49 -3.55
CA ASN D 90 -43.98 -4.73 -4.97
C ASN D 90 -42.97 -5.68 -5.61
N SER D 91 -42.13 -6.36 -4.84
CA SER D 91 -41.19 -7.32 -5.45
C SER D 91 -40.99 -8.52 -4.54
N GLU D 92 -41.64 -9.62 -4.90
CA GLU D 92 -41.42 -10.88 -4.17
C GLU D 92 -40.05 -11.47 -4.49
N LEU D 93 -39.48 -11.12 -5.65
CA LEU D 93 -38.14 -11.60 -5.96
C LEU D 93 -37.13 -11.00 -4.99
N VAL D 94 -37.16 -9.68 -4.81
CA VAL D 94 -36.20 -9.02 -3.92
C VAL D 94 -36.42 -9.43 -2.46
N THR D 95 -37.66 -9.38 -1.99
CA THR D 95 -37.89 -9.76 -0.58
C THR D 95 -37.49 -11.21 -0.32
N GLY D 96 -37.79 -12.11 -1.26
CA GLY D 96 -37.36 -13.49 -1.12
C GLY D 96 -35.84 -13.65 -1.06
N LEU D 97 -35.14 -13.03 -2.01
CA LEU D 97 -33.68 -13.07 -1.98
C LEU D 97 -33.13 -12.56 -0.66
N TYR D 98 -33.70 -11.46 -0.17
CA TYR D 98 -33.20 -10.79 1.03
C TYR D 98 -33.11 -11.73 2.21
N ALA D 99 -33.98 -12.76 2.26
CA ALA D 99 -34.03 -13.71 3.36
C ALA D 99 -33.59 -15.12 2.97
N HIS D 100 -33.08 -15.30 1.75
CA HIS D 100 -32.82 -16.63 1.22
C HIS D 100 -31.54 -17.20 1.82
N ARG D 101 -31.68 -18.29 2.58
CA ARG D 101 -30.55 -18.90 3.27
C ARG D 101 -29.40 -19.23 2.32
N GLU D 102 -29.69 -19.60 1.08
CA GLU D 102 -28.59 -20.02 0.20
C GLU D 102 -27.75 -18.84 -0.25
N LEU D 103 -28.26 -17.61 -0.12
CA LEU D 103 -27.51 -16.39 -0.34
C LEU D 103 -26.84 -15.92 0.94
N LEU D 104 -27.60 -15.87 2.04
CA LEU D 104 -27.11 -15.30 3.29
C LEU D 104 -25.99 -16.14 3.88
N ALA D 105 -26.12 -17.47 3.83
CA ALA D 105 -25.08 -18.36 4.34
C ALA D 105 -23.70 -18.01 3.78
N PRO D 106 -23.49 -18.00 2.45
CA PRO D 106 -22.17 -17.58 1.92
C PRO D 106 -21.74 -16.18 2.34
N LEU D 107 -22.66 -15.21 2.31
CA LEU D 107 -22.30 -13.85 2.71
C LEU D 107 -21.84 -13.82 4.16
N GLU D 108 -22.54 -14.55 5.02
CA GLU D 108 -22.16 -14.60 6.43
C GLU D 108 -20.80 -15.28 6.61
N ALA D 109 -20.50 -16.30 5.80
CA ALA D 109 -19.18 -16.90 5.85
C ALA D 109 -18.09 -15.92 5.36
N ILE D 110 -18.38 -15.14 4.32
CA ILE D 110 -17.43 -14.11 3.86
C ILE D 110 -17.24 -13.04 4.91
N ALA D 111 -18.32 -12.57 5.52
CA ALA D 111 -18.21 -11.51 6.52
C ALA D 111 -17.69 -12.04 7.86
N GLY D 112 -17.86 -13.33 8.11
CA GLY D 112 -17.49 -13.93 9.37
C GLY D 112 -18.40 -13.59 10.53
N GLU D 113 -19.64 -13.20 10.24
CA GLU D 113 -20.62 -12.88 11.29
C GLU D 113 -21.99 -12.92 10.65
N ARG D 114 -23.02 -12.94 11.49
CA ARG D 114 -24.38 -13.04 10.97
C ARG D 114 -24.81 -11.74 10.32
N LEU D 115 -25.62 -11.87 9.27
CA LEU D 115 -26.36 -10.76 8.70
C LEU D 115 -27.77 -10.75 9.27
N HIS D 116 -28.14 -9.65 9.91
CA HIS D 116 -29.50 -9.54 10.44
C HIS D 116 -30.35 -8.68 9.52
N PRO D 117 -31.65 -9.03 9.39
CA PRO D 117 -32.56 -8.13 8.68
C PRO D 117 -32.42 -6.74 9.28
N CYS D 118 -32.44 -5.73 8.40
CA CYS D 118 -32.19 -4.34 8.81
C CYS D 118 -33.34 -3.85 9.69
N PRO D 119 -33.07 -3.41 10.92
CA PRO D 119 -34.19 -3.06 11.82
C PRO D 119 -35.00 -1.86 11.35
N LYS D 120 -34.53 -1.12 10.33
CA LYS D 120 -35.25 0.03 9.79
C LYS D 120 -35.87 -0.36 8.45
N ALA D 121 -37.21 -0.39 8.37
CA ALA D 121 -37.88 -0.74 7.12
C ALA D 121 -37.56 0.22 5.98
N ASP D 122 -37.17 1.46 6.28
CA ASP D 122 -36.89 2.41 5.22
C ASP D 122 -35.51 2.20 4.59
N GLU D 123 -34.77 1.14 4.99
CA GLU D 123 -33.44 0.92 4.44
C GLU D 123 -33.12 -0.53 4.10
N GLU D 124 -34.09 -1.44 4.17
CA GLU D 124 -33.84 -2.79 3.67
C GLU D 124 -33.33 -2.77 2.22
N PHE D 125 -34.02 -2.03 1.35
CA PHE D 125 -33.73 -2.04 -0.08
C PHE D 125 -33.62 -0.64 -0.64
N LEU D 126 -32.85 -0.51 -1.71
CA LEU D 126 -32.76 0.76 -2.42
C LEU D 126 -32.32 0.50 -3.83
N ILE D 127 -33.02 1.11 -4.77
CA ILE D 127 -32.59 1.18 -6.15
C ILE D 127 -32.12 2.60 -6.39
N THR D 128 -31.00 2.73 -7.07
CA THR D 128 -30.62 4.03 -7.59
C THR D 128 -30.38 3.91 -9.09
N ARG D 129 -30.70 4.98 -9.78
CA ARG D 129 -30.41 5.12 -11.20
C ARG D 129 -29.75 6.48 -11.35
N GLN D 130 -28.52 6.49 -11.82
CA GLN D 130 -27.85 7.73 -12.19
C GLN D 130 -27.98 7.90 -13.69
N GLU D 131 -28.33 9.13 -14.11
CA GLU D 131 -28.89 9.39 -15.43
C GLU D 131 -28.16 10.51 -16.16
N GLN D 132 -27.88 11.59 -15.44
CA GLN D 132 -27.38 12.83 -16.04
C GLN D 132 -25.88 12.93 -15.84
N ARG D 133 -25.21 13.53 -16.84
CA ARG D 133 -23.87 14.04 -16.62
C ARG D 133 -23.82 14.73 -15.27
N GLY D 134 -22.79 14.41 -14.49
CA GLY D 134 -22.67 14.94 -13.16
C GLY D 134 -23.24 14.06 -12.07
N ASP D 135 -24.11 13.11 -12.40
CA ASP D 135 -24.78 12.32 -11.37
C ASP D 135 -23.74 11.58 -10.52
N THR D 136 -24.06 11.43 -9.24
CA THR D 136 -23.07 10.89 -8.32
C THR D 136 -23.76 10.46 -7.04
N HIS D 137 -23.28 9.38 -6.47
CA HIS D 137 -23.59 9.03 -5.08
C HIS D 137 -22.33 9.42 -4.32
N GLY D 138 -22.37 10.60 -3.68
CA GLY D 138 -21.15 11.20 -3.13
C GLY D 138 -20.70 10.58 -1.82
N TRP D 139 -19.47 10.94 -1.41
CA TRP D 139 -18.76 10.28 -0.31
C TRP D 139 -19.64 10.16 0.92
N HIS D 140 -19.62 8.98 1.54
CA HIS D 140 -20.49 8.72 2.68
C HIS D 140 -20.12 7.38 3.30
N TRP D 141 -20.76 7.08 4.42
CA TRP D 141 -20.75 5.76 5.00
C TRP D 141 -22.20 5.29 5.16
N GLY D 142 -22.36 4.01 5.54
CA GLY D 142 -23.67 3.48 5.89
C GLY D 142 -23.92 3.49 7.39
N ASP D 143 -25.19 3.68 7.77
CA ASP D 143 -25.59 3.50 9.16
C ASP D 143 -25.49 2.05 9.58
N PHE D 144 -25.59 1.11 8.65
CA PHE D 144 -25.53 -0.30 9.01
C PHE D 144 -24.29 -0.92 8.39
N SER D 145 -24.04 -2.17 8.78
CA SER D 145 -22.76 -2.81 8.53
C SER D 145 -22.59 -3.31 7.12
N PHE D 146 -23.68 -3.79 6.45
CA PHE D 146 -23.48 -4.57 5.22
C PHE D 146 -24.40 -4.11 4.10
N ALA D 147 -23.89 -4.11 2.86
CA ALA D 147 -24.74 -3.93 1.70
C ALA D 147 -24.29 -4.90 0.62
N LEU D 148 -25.27 -5.51 -0.03
CA LEU D 148 -25.04 -6.30 -1.22
C LEU D 148 -25.55 -5.44 -2.37
N ILE D 149 -24.64 -5.02 -3.23
CA ILE D 149 -24.95 -4.11 -4.32
C ILE D 149 -24.94 -4.90 -5.61
N TRP D 150 -26.10 -4.97 -6.25
CA TRP D 150 -26.22 -5.59 -7.56
C TRP D 150 -26.02 -4.50 -8.61
N VAL D 151 -24.96 -4.63 -9.42
CA VAL D 151 -24.72 -3.64 -10.48
C VAL D 151 -25.50 -4.14 -11.71
N LEU D 152 -26.70 -3.60 -11.89
CA LEU D 152 -27.65 -4.08 -12.90
C LEU D 152 -27.33 -3.54 -14.28
N GLN D 153 -27.02 -2.25 -14.38
CA GLN D 153 -26.56 -1.64 -15.62
C GLN D 153 -25.47 -0.63 -15.29
N ALA D 154 -24.32 -0.74 -15.99
CA ALA D 154 -23.21 0.19 -15.76
C ALA D 154 -22.63 0.61 -17.09
N PRO D 155 -22.27 1.87 -17.24
CA PRO D 155 -21.67 2.32 -18.49
C PRO D 155 -20.22 1.86 -18.59
N PRO D 156 -19.62 2.06 -19.77
CA PRO D 156 -18.20 1.78 -19.96
C PRO D 156 -17.31 2.59 -19.02
N ILE D 157 -16.08 2.11 -18.84
CA ILE D 157 -15.22 2.58 -17.75
C ILE D 157 -14.90 4.07 -17.87
N ASP D 158 -14.77 4.59 -19.09
CA ASP D 158 -14.38 5.99 -19.25
C ASP D 158 -15.53 6.97 -19.12
N VAL D 159 -16.76 6.50 -18.92
CA VAL D 159 -17.89 7.39 -18.63
C VAL D 159 -18.03 7.69 -17.13
N GLY D 160 -17.34 6.96 -16.28
CA GLY D 160 -17.43 7.14 -14.84
C GLY D 160 -18.38 6.15 -14.19
N GLY D 161 -18.82 6.53 -12.98
CA GLY D 161 -19.66 5.63 -12.21
C GLY D 161 -18.89 4.56 -11.48
N LEU D 162 -17.57 4.70 -11.43
CA LEU D 162 -16.74 3.79 -10.67
C LEU D 162 -16.96 3.97 -9.17
N LEU D 163 -16.80 2.91 -8.42
CA LEU D 163 -16.86 3.01 -6.97
C LEU D 163 -15.48 3.31 -6.46
N GLN D 164 -15.39 4.21 -5.47
CA GLN D 164 -14.15 4.44 -4.76
C GLN D 164 -14.39 4.14 -3.28
N CYS D 165 -13.38 3.59 -2.63
CA CYS D 165 -13.50 3.09 -1.25
C CYS D 165 -12.29 3.48 -0.43
N VAL D 166 -12.53 3.84 0.83
CA VAL D 166 -11.47 3.91 1.82
C VAL D 166 -11.88 3.06 3.01
N PRO D 167 -11.40 1.82 3.14
CA PRO D 167 -11.81 0.97 4.27
C PRO D 167 -11.15 1.42 5.56
N HIS D 168 -11.58 0.79 6.69
CA HIS D 168 -10.99 1.02 8.00
C HIS D 168 -11.11 2.47 8.44
N THR D 169 -12.29 3.05 8.21
CA THR D 169 -12.61 4.40 8.69
C THR D 169 -13.90 4.31 9.49
N THR D 170 -14.47 5.44 9.93
CA THR D 170 -15.79 5.43 10.55
C THR D 170 -16.47 6.78 10.37
N TRP D 171 -17.80 6.76 10.59
CA TRP D 171 -18.71 7.86 10.33
C TRP D 171 -19.04 8.55 11.64
N ASP D 172 -18.51 9.74 11.83
CA ASP D 172 -18.89 10.63 12.92
C ASP D 172 -19.76 11.68 12.26
N LYS D 173 -21.07 11.53 12.40
CA LYS D 173 -21.99 12.49 11.79
C LYS D 173 -21.77 13.90 12.33
N ALA D 174 -21.16 14.03 13.50
CA ALA D 174 -20.90 15.37 14.05
C ALA D 174 -19.68 16.02 13.41
N SER D 175 -18.71 15.24 12.94
CA SER D 175 -17.46 15.78 12.42
C SER D 175 -16.93 14.80 11.38
N PRO D 176 -17.51 14.78 10.18
CA PRO D 176 -17.25 13.65 9.29
C PRO D 176 -15.81 13.59 8.81
N GLN D 177 -15.23 14.74 8.44
CA GLN D 177 -13.82 14.85 8.06
C GLN D 177 -13.45 13.88 6.96
N ILE D 178 -14.26 13.87 5.91
CA ILE D 178 -14.05 12.94 4.81
C ILE D 178 -12.71 13.21 4.11
N ASN D 179 -12.40 14.49 3.89
CA ASN D 179 -11.16 14.81 3.17
C ASN D 179 -9.92 14.45 3.97
N ARG D 180 -9.97 14.59 5.30
CA ARG D 180 -8.87 14.08 6.15
C ARG D 180 -8.67 12.59 5.96
N TYR D 181 -9.76 11.81 5.93
CA TYR D 181 -9.59 10.38 5.67
C TYR D 181 -8.93 10.15 4.33
N LEU D 182 -9.28 10.95 3.31
CA LEU D 182 -8.65 10.78 1.99
C LEU D 182 -7.17 11.10 2.08
N VAL D 183 -6.82 12.17 2.79
CA VAL D 183 -5.42 12.53 2.95
C VAL D 183 -4.66 11.43 3.67
N GLU D 184 -5.31 10.77 4.64
CA GLU D 184 -4.62 9.84 5.53
C GLU D 184 -4.58 8.40 5.01
N ASN D 185 -5.24 8.09 3.89
CA ASN D 185 -5.34 6.71 3.45
C ASN D 185 -5.31 6.69 1.95
N PRO D 186 -4.87 5.60 1.35
CA PRO D 186 -5.08 5.43 -0.07
C PRO D 186 -6.54 5.18 -0.42
N ILE D 187 -6.91 5.62 -1.61
CA ILE D 187 -8.25 5.38 -2.15
C ILE D 187 -8.15 4.25 -3.15
N ASP D 188 -9.05 3.26 -3.04
CA ASP D 188 -9.16 2.19 -4.03
C ASP D 188 -10.34 2.47 -4.94
N THR D 189 -10.18 2.23 -6.24
CA THR D 189 -11.21 2.46 -7.23
C THR D 189 -11.58 1.15 -7.94
N TYR D 190 -12.89 0.94 -8.17
CA TYR D 190 -13.43 -0.29 -8.73
C TYR D 190 -14.32 0.02 -9.91
N HIS D 191 -14.16 -0.76 -10.97
CA HIS D 191 -15.01 -0.69 -12.14
C HIS D 191 -15.89 -1.94 -12.16
N PHE D 192 -17.21 -1.75 -12.17
CA PHE D 192 -18.12 -2.89 -12.18
C PHE D 192 -18.89 -2.89 -13.49
N GLU D 193 -19.11 -4.08 -14.04
CA GLU D 193 -19.84 -4.24 -15.28
C GLU D 193 -21.27 -4.66 -15.01
N SER D 194 -22.14 -4.40 -15.98
CA SER D 194 -23.52 -4.81 -15.85
C SER D 194 -23.61 -6.27 -15.41
N GLY D 195 -24.41 -6.53 -14.39
CA GLY D 195 -24.57 -7.86 -13.86
C GLY D 195 -23.61 -8.22 -12.75
N ASP D 196 -22.61 -7.39 -12.47
CA ASP D 196 -21.76 -7.64 -11.33
C ASP D 196 -22.56 -7.50 -10.04
N VAL D 197 -22.06 -8.14 -9.01
CA VAL D 197 -22.59 -7.96 -7.67
C VAL D 197 -21.41 -7.83 -6.72
N TYR D 198 -21.47 -6.87 -5.80
CA TYR D 198 -20.40 -6.78 -4.82
C TYR D 198 -20.97 -6.59 -3.42
N PHE D 199 -20.13 -6.93 -2.45
CA PHE D 199 -20.48 -6.99 -1.03
C PHE D 199 -19.60 -5.99 -0.30
N LEU D 200 -20.22 -5.07 0.44
CA LEU D 200 -19.53 -3.90 0.98
C LEU D 200 -19.77 -3.76 2.48
N ARG D 201 -18.69 -3.56 3.25
CA ARG D 201 -18.80 -3.22 4.67
C ARG D 201 -19.01 -1.70 4.75
N THR D 202 -20.28 -1.31 4.82
CA THR D 202 -20.66 0.08 4.58
C THR D 202 -20.40 1.00 5.76
N ASP D 203 -20.35 0.47 6.99
CA ASP D 203 -20.16 1.34 8.15
C ASP D 203 -18.70 1.74 8.36
N THR D 204 -17.73 0.93 7.93
CA THR D 204 -16.32 1.28 8.07
C THR D 204 -15.64 1.55 6.73
N THR D 205 -16.37 1.53 5.61
CA THR D 205 -15.76 1.79 4.31
C THR D 205 -16.36 3.07 3.74
N LEU D 206 -15.53 4.13 3.72
CA LEU D 206 -15.91 5.40 3.09
C LEU D 206 -16.00 5.17 1.60
N HIS D 207 -17.11 5.55 0.96
CA HIS D 207 -17.23 5.20 -0.43
C HIS D 207 -18.09 6.22 -1.15
N ARG D 208 -17.92 6.26 -2.48
CA ARG D 208 -18.71 7.10 -3.38
C ARG D 208 -18.70 6.46 -4.77
N THR D 209 -19.52 7.01 -5.67
CA THR D 209 -19.34 6.74 -7.09
C THR D 209 -18.82 7.99 -7.79
N ILE D 210 -17.91 7.82 -8.73
CA ILE D 210 -17.32 8.95 -9.46
C ILE D 210 -18.38 9.56 -10.39
N PRO D 211 -18.57 10.88 -10.37
CA PRO D 211 -19.60 11.51 -11.21
C PRO D 211 -19.58 11.03 -12.67
N LEU D 212 -20.78 10.82 -13.25
CA LEU D 212 -20.86 10.43 -14.65
C LEU D 212 -20.27 11.51 -15.53
N ARG D 213 -19.46 11.11 -16.52
CA ARG D 213 -18.92 12.07 -17.48
C ARG D 213 -19.90 12.46 -18.58
N GLU D 214 -20.93 11.67 -18.80
CA GLU D 214 -21.95 12.08 -19.75
C GLU D 214 -23.25 11.36 -19.40
N ASP D 215 -24.34 11.84 -20.00
CA ASP D 215 -25.64 11.19 -19.89
C ASP D 215 -25.50 9.71 -20.22
N THR D 216 -26.02 8.87 -19.34
CA THR D 216 -26.00 7.43 -19.55
C THR D 216 -26.96 6.81 -18.52
N THR D 217 -26.87 5.50 -18.36
CA THR D 217 -27.73 4.77 -17.43
C THR D 217 -26.86 3.90 -16.55
N ARG D 218 -26.92 4.13 -15.25
CA ARG D 218 -26.25 3.32 -14.25
C ARG D 218 -27.29 2.96 -13.19
N ILE D 219 -27.58 1.67 -13.06
CA ILE D 219 -28.62 1.20 -12.14
C ILE D 219 -28.04 0.18 -11.19
N ILE D 220 -28.28 0.35 -9.89
CA ILE D 220 -27.92 -0.63 -8.89
C ILE D 220 -29.12 -0.90 -7.98
N LEU D 221 -29.11 -2.09 -7.38
CA LEU D 221 -29.97 -2.41 -6.25
C LEU D 221 -29.11 -2.65 -5.01
N ASN D 222 -29.52 -2.06 -3.89
CA ASN D 222 -28.81 -2.19 -2.62
C ASN D 222 -29.70 -2.93 -1.62
N MET D 223 -29.25 -4.11 -1.15
CA MET D 223 -29.83 -4.78 0.02
C MET D 223 -28.93 -4.52 1.22
N THR D 224 -29.51 -4.00 2.29
CA THR D 224 -28.71 -3.62 3.45
C THR D 224 -29.10 -4.50 4.64
N TRP D 225 -28.11 -5.08 5.31
CA TRP D 225 -28.34 -5.83 6.55
C TRP D 225 -27.56 -5.21 7.69
N ALA D 226 -28.06 -5.42 8.90
CA ALA D 226 -27.34 -5.09 10.12
C ALA D 226 -26.42 -6.23 10.54
N GLY D 227 -25.26 -5.87 11.09
CA GLY D 227 -24.52 -6.76 11.93
C GLY D 227 -25.01 -6.66 13.36
N GLU D 228 -24.64 -7.63 14.17
CA GLU D 228 -25.03 -7.57 15.58
C GLU D 228 -24.68 -6.23 16.21
N ARG D 229 -23.52 -5.64 15.83
CA ARG D 229 -23.13 -4.34 16.39
C ARG D 229 -24.19 -3.26 16.17
N ASP D 230 -25.07 -3.43 15.18
CA ASP D 230 -26.04 -2.40 14.80
C ASP D 230 -27.32 -2.45 15.60
N LEU D 231 -27.51 -3.44 16.47
CA LEU D 231 -28.71 -3.51 17.28
C LEU D 231 -28.63 -2.55 18.47
N SER D 232 -29.75 -1.86 18.74
CA SER D 232 -29.88 -0.85 19.81
C SER D 232 -28.95 0.37 19.63
N ARG D 233 -28.87 0.88 18.41
CA ARG D 233 -28.16 2.13 18.13
C ARG D 233 -29.15 3.27 17.96
N LYS D 234 -28.83 4.43 18.53
CA LYS D 234 -29.68 5.61 18.41
C LYS D 234 -29.29 6.36 17.13
N LEU D 235 -30.21 6.38 16.16
CA LEU D 235 -30.05 7.14 14.91
C LEU D 235 -30.54 8.57 15.12
N ALA D 236 -29.72 9.34 15.82
CA ALA D 236 -30.13 10.67 16.23
C ALA D 236 -30.26 11.67 15.07
N ALA D 237 -29.82 11.31 13.87
CA ALA D 237 -29.73 12.29 12.78
C ALA D 237 -30.91 12.17 11.81
N ASP D 238 -31.38 13.33 11.35
CA ASP D 238 -32.44 13.42 10.35
C ASP D 238 -31.81 13.59 8.96
N ASP D 239 -31.16 12.53 8.49
CA ASP D 239 -30.43 12.60 7.22
C ASP D 239 -30.81 11.47 6.28
N ARG D 240 -32.01 10.92 6.42
CA ARG D 240 -32.38 9.72 5.67
C ARG D 240 -33.02 10.16 4.34
N TRP D 241 -32.15 10.72 3.50
CA TRP D 241 -32.56 11.48 2.32
C TRP D 241 -33.18 10.60 1.24
N TRP D 242 -32.80 9.33 1.15
CA TRP D 242 -33.28 8.51 0.04
C TRP D 242 -34.76 8.18 0.22
N ASP D 243 -35.23 8.14 1.46
CA ASP D 243 -36.63 7.88 1.75
C ASP D 243 -37.46 9.17 1.78
N ASN D 244 -36.84 10.31 2.10
CA ASN D 244 -37.56 11.56 2.26
C ASN D 244 -36.62 12.69 1.86
N ALA D 245 -36.86 13.33 0.72
CA ALA D 245 -35.95 14.37 0.27
C ALA D 245 -35.96 15.60 1.16
N GLU D 246 -36.93 15.73 2.07
CA GLU D 246 -37.12 16.93 2.85
C GLU D 246 -36.44 16.90 4.21
N VAL D 247 -35.66 15.85 4.52
CA VAL D 247 -35.05 15.75 5.84
C VAL D 247 -34.13 16.95 6.08
N SER D 248 -33.97 17.33 7.35
CA SER D 248 -33.30 18.59 7.66
C SER D 248 -31.83 18.60 7.29
N ALA D 249 -31.19 17.44 7.09
CA ALA D 249 -29.80 17.43 6.66
C ALA D 249 -29.65 17.59 5.15
N ALA D 250 -30.73 17.48 4.40
CA ALA D 250 -30.67 17.70 2.96
C ALA D 250 -30.69 19.19 2.64
N ARG D 251 -29.87 19.57 1.66
CA ARG D 251 -29.74 20.95 1.20
C ARG D 251 -29.92 20.94 -0.31
N ALA D 252 -30.74 21.85 -0.82
CA ALA D 252 -30.97 21.92 -2.26
C ALA D 252 -29.69 22.27 -2.99
N ILE D 253 -29.43 21.58 -4.10
CA ILE D 253 -28.34 21.97 -4.97
C ILE D 253 -28.56 23.40 -5.46
N LYS D 254 -27.47 24.10 -5.73
CA LYS D 254 -27.54 25.44 -6.32
C LYS D 254 -26.56 25.58 -7.49
#